data_7LF7
#
_entry.id   7LF7
#
_cell.length_a   131.103
_cell.length_b   131.103
_cell.length_c   87.164
_cell.angle_alpha   90.000
_cell.angle_beta   90.000
_cell.angle_gamma   90.000
#
_symmetry.space_group_name_H-M   'P 43'
#
loop_
_entity.id
_entity.type
_entity.pdbx_description
1 polymer 'Fab 6D12 heavy chain'
2 polymer 'Fab 6D12 light chain'
3 polymer 'Fab 6D12 heavy chain'
4 polymer 'Apolipoprotein L1'
5 non-polymer ETHANOL
6 non-polymer GLYCEROL
7 water water
#
loop_
_entity_poly.entity_id
_entity_poly.type
_entity_poly.pdbx_seq_one_letter_code
_entity_poly.pdbx_strand_id
1 'polypeptide(L)'
;EVMLVESGGGLVRPGGSLKLSCTASGFTFSRCAMSWVRQTPEKRLEWVSAISRDSTYTYYSDSVKGRFTVSRDNAKNTLY
LQMSSLRSEDTAMYYCARQIDDYYVDALDYWGQGTSVTVSSASTKGPSVFPLAPSSKSTSGGTAALGCLVKDYFPEPVTV
SWNSGALTSGVHTFPAVLQSSGLYSLSSVVTVPSSSLGTQTYICNVNHKPSNTKVDKKVEPKSCD
;
A
2 'polypeptide(L)'
;DVQITQSPSYLAASPGETITINCRASKIISKYLAWYQEKPGKTIKLLIYSGFTLQSGIPSRFSGSGSGTDFTLTISSLEP
EDFAMYYCQQHNEYPLTFGAGTKLEIKRTVAAPSVFIFPPSDEQLKSGTASVVCLLNNFYPREAKVQWKVDNALQSGNSQ
ESVTEQDSKDSTYSLSSTLTLSKADYEKHKVYACEVTHQGLSSPVTKSFNRGEC
;
B,L
3 'polypeptide(L)'
;EVMLVESGGGLVRPGGSLKLSCTASGFTFSR(CSX)AMSWVRQTPEKRLEWVSAISRDSTYTYYSDSVKGRFTVSRDNAK
NTLYLQMSSLRSEDTAMYYCARQIDDYYVDALDYWGQGTSVTVSSASTKGPSVFPLAPSSKSTSGGTAALGCLVKDYFPE
PVTVSWNSGALTSGVHTFPAVLQSSGLYSLSSVVTVPSSSLGTQTYICNVNHKPSNTKVDKKVEPKSCD
;
H
4 'polypeptide(L)'
;MDYKDDDDKGENLYFQGSDPESSIFIEDAIKYFKEKVSTQNLLLLLTDNEAWNGFVAAAELPRNEADELRKALDNLARQM
IMKDKNWHDKGQQYRNWFLKEFPRLKSELEDNIRRLRALADGVQKVHKGT
;
K,M
#
loop_
_chem_comp.id
_chem_comp.type
_chem_comp.name
_chem_comp.formula
EOH non-polymer ETHANOL 'C2 H6 O'
GOL non-polymer GLYCEROL 'C3 H8 O3'
#
# COMPACT_ATOMS: atom_id res chain seq x y z
N GLU A 1 -5.43 37.99 -13.09
CA GLU A 1 -4.77 37.07 -12.14
C GLU A 1 -4.79 35.64 -12.68
N VAL A 2 -3.67 34.94 -12.50
CA VAL A 2 -3.55 33.56 -12.95
C VAL A 2 -4.52 32.67 -12.17
N MET A 3 -5.26 31.84 -12.90
CA MET A 3 -6.24 30.94 -12.30
C MET A 3 -6.15 29.53 -12.90
N LEU A 4 -6.09 28.53 -12.03
CA LEU A 4 -6.09 27.13 -12.44
C LEU A 4 -7.23 26.40 -11.76
N VAL A 5 -8.10 25.77 -12.55
CA VAL A 5 -9.26 25.05 -12.02
C VAL A 5 -9.29 23.61 -12.47
N GLU A 6 -9.11 22.69 -11.53
CA GLU A 6 -9.16 21.26 -11.82
C GLU A 6 -10.59 20.73 -11.78
N SER A 7 -10.84 19.66 -12.54
CA SER A 7 -12.12 18.96 -12.49
C SER A 7 -11.92 17.53 -12.97
N GLY A 8 -13.00 16.75 -12.95
CA GLY A 8 -12.96 15.38 -13.42
C GLY A 8 -12.60 14.40 -12.31
N GLY A 9 -12.38 14.92 -11.11
CA GLY A 9 -12.09 14.07 -9.97
C GLY A 9 -13.36 13.40 -9.50
N GLY A 10 -13.26 12.55 -8.49
CA GLY A 10 -14.43 11.88 -7.95
C GLY A 10 -14.15 10.46 -7.50
N LEU A 11 -15.21 9.66 -7.45
CA LEU A 11 -15.13 8.28 -7.00
C LEU A 11 -14.78 7.35 -8.13
N VAL A 12 -13.90 6.39 -7.85
CA VAL A 12 -13.51 5.39 -8.81
C VAL A 12 -13.16 4.10 -8.06
N ARG A 13 -13.34 2.96 -8.73
CA ARG A 13 -13.03 1.68 -8.12
C ARG A 13 -11.61 1.26 -8.48
N PRO A 14 -10.99 0.39 -7.65
CA PRO A 14 -9.65 -0.11 -7.96
C PRO A 14 -9.61 -0.77 -9.34
N GLY A 15 -8.64 -0.39 -10.16
CA GLY A 15 -8.54 -0.87 -11.52
C GLY A 15 -9.28 0.03 -12.49
N GLY A 16 -10.05 0.96 -11.94
CA GLY A 16 -10.85 1.88 -12.75
C GLY A 16 -10.04 2.97 -13.40
N SER A 17 -10.71 3.88 -14.08
CA SER A 17 -10.07 4.97 -14.80
C SER A 17 -10.75 6.32 -14.55
N LEU A 18 -9.96 7.38 -14.59
CA LEU A 18 -10.45 8.75 -14.50
C LEU A 18 -9.61 9.65 -15.40
N LYS A 19 -10.24 10.65 -16.01
CA LYS A 19 -9.50 11.68 -16.73
C LYS A 19 -9.72 13.03 -16.07
N LEU A 20 -8.65 13.57 -15.50
CA LEU A 20 -8.68 14.90 -14.89
C LEU A 20 -8.44 15.96 -15.95
N SER A 21 -9.01 17.15 -15.73
CA SER A 21 -8.78 18.28 -16.61
C SER A 21 -8.49 19.52 -15.77
N CYS A 22 -7.66 20.41 -16.31
CA CYS A 22 -7.28 21.64 -15.63
C CYS A 22 -7.34 22.83 -16.59
N THR A 23 -8.36 23.66 -16.46
CA THR A 23 -8.51 24.84 -17.31
C THR A 23 -7.71 26.01 -16.74
N ALA A 24 -6.87 26.60 -17.59
CA ALA A 24 -5.98 27.69 -17.19
C ALA A 24 -6.50 29.04 -17.68
N SER A 25 -6.39 30.05 -16.82
CA SER A 25 -6.88 31.40 -17.14
C SER A 25 -5.92 32.47 -16.65
N GLY A 26 -5.96 33.64 -17.29
CA GLY A 26 -5.20 34.78 -16.85
C GLY A 26 -3.78 34.84 -17.39
N PHE A 27 -3.42 33.91 -18.26
CA PHE A 27 -2.10 33.92 -18.89
C PHE A 27 -2.14 33.11 -20.18
N THR A 28 -1.08 33.23 -20.98
CA THR A 28 -0.99 32.49 -22.24
C THR A 28 -0.56 31.07 -21.94
N PHE A 29 -1.53 30.16 -21.91
CA PHE A 29 -1.31 28.77 -21.54
C PHE A 29 -0.24 28.08 -22.40
N SER A 30 -0.23 28.39 -23.68
CA SER A 30 0.67 27.74 -24.62
C SER A 30 2.13 28.07 -24.39
N ARG A 31 2.41 29.08 -23.56
CA ARG A 31 3.78 29.52 -23.31
C ARG A 31 4.45 28.78 -22.16
N CYS A 32 3.68 28.01 -21.38
CA CYS A 32 4.17 27.50 -20.10
C CYS A 32 4.10 25.97 -19.98
N ALA A 33 5.13 25.42 -19.33
CA ALA A 33 5.13 24.02 -18.95
C ALA A 33 4.24 23.82 -17.74
N MET A 34 3.63 22.66 -17.63
CA MET A 34 2.69 22.36 -16.56
C MET A 34 3.07 21.09 -15.81
N SER A 35 2.70 21.03 -14.53
CA SER A 35 2.92 19.84 -13.71
C SER A 35 1.63 19.39 -13.05
N TRP A 36 1.57 18.09 -12.71
CA TRP A 36 0.53 17.56 -11.85
C TRP A 36 1.15 17.14 -10.53
N VAL A 37 0.57 17.62 -9.44
CA VAL A 37 1.03 17.26 -8.10
C VAL A 37 -0.17 16.80 -7.29
N ARG A 38 0.04 15.82 -6.42
CA ARG A 38 -1.03 15.33 -5.56
C ARG A 38 -0.62 15.34 -4.09
N GLN A 39 -1.61 15.52 -3.22
CA GLN A 39 -1.39 15.43 -1.78
C GLN A 39 -2.22 14.30 -1.20
N THR A 40 -1.53 13.34 -0.58
CA THR A 40 -2.17 12.15 -0.02
C THR A 40 -2.90 12.50 1.27
N PRO A 41 -3.73 11.56 1.76
CA PRO A 41 -4.43 11.79 3.03
C PRO A 41 -3.47 12.02 4.19
N GLU A 42 -2.23 11.55 4.05
CA GLU A 42 -1.20 11.77 5.05
C GLU A 42 -0.53 13.14 4.88
N LYS A 43 -1.08 13.96 3.98
CA LYS A 43 -0.61 15.32 3.74
C LYS A 43 0.82 15.35 3.20
N ARG A 44 1.18 14.31 2.45
CA ARG A 44 2.46 14.25 1.78
C ARG A 44 2.31 14.75 0.34
N LEU A 45 3.13 15.72 -0.05
CA LEU A 45 3.11 16.23 -1.42
C LEU A 45 3.94 15.34 -2.34
N GLU A 46 3.36 14.99 -3.48
CA GLU A 46 3.99 14.06 -4.41
C GLU A 46 3.77 14.50 -5.85
N TRP A 47 4.87 14.85 -6.52
CA TRP A 47 4.81 15.20 -7.93
C TRP A 47 4.52 13.95 -8.75
N VAL A 48 3.65 14.09 -9.74
CA VAL A 48 3.14 12.95 -10.48
C VAL A 48 3.53 12.98 -11.96
N SER A 49 3.40 14.16 -12.58
CA SER A 49 3.60 14.28 -14.01
C SER A 49 3.90 15.71 -14.45
N ALA A 50 4.43 15.85 -15.66
CA ALA A 50 4.71 17.16 -16.23
C ALA A 50 4.71 17.08 -17.76
N ILE A 51 4.47 18.22 -18.40
CA ILE A 51 4.44 18.29 -19.86
C ILE A 51 4.97 19.64 -20.33
N SER A 52 5.80 19.62 -21.37
CA SER A 52 6.36 20.84 -21.91
C SER A 52 5.28 21.68 -22.58
N ARG A 53 5.61 22.93 -22.90
CA ARG A 53 4.63 23.87 -23.43
C ARG A 53 3.98 23.37 -24.72
N ASP A 54 4.73 22.60 -25.51
CA ASP A 54 4.25 22.12 -26.81
C ASP A 54 4.10 20.60 -26.85
N SER A 55 4.09 19.97 -25.68
CA SER A 55 3.89 18.53 -25.56
C SER A 55 5.03 17.71 -26.16
N THR A 56 6.15 18.37 -26.47
CA THR A 56 7.32 17.68 -27.02
C THR A 56 7.86 16.66 -26.03
N TYR A 57 7.87 17.03 -24.75
CA TYR A 57 8.34 16.14 -23.69
C TYR A 57 7.27 15.92 -22.63
N THR A 58 7.16 14.68 -22.16
CA THR A 58 6.29 14.34 -21.06
C THR A 58 7.10 13.62 -19.99
N TYR A 59 6.72 13.82 -18.73
CA TYR A 59 7.46 13.26 -17.59
C TYR A 59 6.50 12.62 -16.60
N TYR A 60 6.95 11.53 -15.97
CA TYR A 60 6.13 10.79 -15.02
C TYR A 60 6.95 10.29 -13.83
N SER A 61 6.31 10.18 -12.67
CA SER A 61 6.93 9.53 -11.52
C SER A 61 6.86 8.01 -11.68
N ASP A 62 7.75 7.29 -11.01
CA ASP A 62 7.82 5.84 -11.13
C ASP A 62 6.54 5.17 -10.63
N SER A 63 5.93 5.76 -9.60
CA SER A 63 4.73 5.20 -9.00
C SER A 63 3.54 5.24 -9.94
N VAL A 64 3.67 6.00 -11.01
CA VAL A 64 2.55 6.33 -11.89
C VAL A 64 2.84 5.96 -13.35
N LYS A 65 4.12 5.79 -13.68
CA LYS A 65 4.55 5.50 -15.03
C LYS A 65 3.85 4.28 -15.62
N GLY A 66 3.37 4.42 -16.86
CA GLY A 66 2.72 3.33 -17.56
C GLY A 66 1.23 3.24 -17.29
N ARG A 67 0.75 4.00 -16.30
CA ARG A 67 -0.66 3.99 -15.93
C ARG A 67 -1.33 5.33 -16.22
N PHE A 68 -0.60 6.43 -16.00
CA PHE A 68 -1.12 7.76 -16.28
C PHE A 68 -0.57 8.30 -17.59
N THR A 69 -1.37 9.14 -18.26
CA THR A 69 -0.94 9.82 -19.47
C THR A 69 -1.30 11.30 -19.38
N VAL A 70 -0.29 12.17 -19.41
CA VAL A 70 -0.51 13.61 -19.42
C VAL A 70 -0.58 14.11 -20.85
N SER A 71 -1.49 15.04 -21.10
CA SER A 71 -1.64 15.67 -22.41
C SER A 71 -2.18 17.08 -22.22
N ARG A 72 -2.23 17.84 -23.32
CA ARG A 72 -2.78 19.20 -23.24
C ARG A 72 -3.37 19.65 -24.57
N ASP A 73 -4.32 20.57 -24.47
CA ASP A 73 -4.94 21.21 -25.63
C ASP A 73 -4.76 22.72 -25.49
N ASN A 74 -3.73 23.26 -26.12
CA ASN A 74 -3.39 24.68 -25.97
C ASN A 74 -4.49 25.59 -26.48
N ALA A 75 -5.23 25.14 -27.48
CA ALA A 75 -6.32 25.93 -28.03
C ALA A 75 -7.42 26.09 -27.01
N LYS A 76 -7.66 25.04 -26.22
CA LYS A 76 -8.73 25.06 -25.23
C LYS A 76 -8.21 25.38 -23.83
N ASN A 77 -6.95 25.79 -23.75
CA ASN A 77 -6.34 26.20 -22.49
C ASN A 77 -6.52 25.16 -21.38
N THR A 78 -6.40 23.88 -21.76
CA THR A 78 -6.70 22.79 -20.84
C THR A 78 -5.54 21.79 -20.74
N LEU A 79 -5.26 21.39 -19.51
CA LEU A 79 -4.29 20.34 -19.21
C LEU A 79 -5.05 19.09 -18.78
N TYR A 80 -4.58 17.92 -19.21
CA TYR A 80 -5.26 16.66 -18.89
C TYR A 80 -4.35 15.68 -18.16
N LEU A 81 -4.97 14.80 -17.38
CA LEU A 81 -4.28 13.64 -16.81
C LEU A 81 -5.19 12.42 -16.88
N GLN A 82 -4.93 11.55 -17.86
CA GLN A 82 -5.66 10.30 -17.99
C GLN A 82 -5.08 9.27 -17.03
N MET A 83 -5.88 8.84 -16.06
CA MET A 83 -5.43 7.88 -15.06
C MET A 83 -6.08 6.51 -15.29
N SER A 84 -5.25 5.48 -15.39
CA SER A 84 -5.72 4.11 -15.61
C SER A 84 -5.19 3.17 -14.51
N SER A 85 -5.83 2.01 -14.38
CA SER A 85 -5.42 1.00 -13.41
C SER A 85 -5.20 1.60 -12.03
N LEU A 86 -6.17 2.37 -11.57
CA LEU A 86 -6.03 3.13 -10.34
C LEU A 86 -5.96 2.24 -9.10
N ARG A 87 -5.10 2.63 -8.17
CA ARG A 87 -4.87 1.90 -6.93
C ARG A 87 -5.39 2.71 -5.75
N SER A 88 -5.58 2.06 -4.60
CA SER A 88 -6.04 2.76 -3.41
C SER A 88 -5.04 3.84 -2.99
N GLU A 89 -3.78 3.65 -3.37
CA GLU A 89 -2.72 4.60 -3.01
C GLU A 89 -2.78 5.86 -3.87
N ASP A 90 -3.60 5.82 -4.92
CA ASP A 90 -3.76 6.97 -5.80
C ASP A 90 -4.78 7.95 -5.22
N THR A 91 -5.41 7.55 -4.11
CA THR A 91 -6.35 8.43 -3.41
C THR A 91 -5.63 9.67 -2.93
N ALA A 92 -6.05 10.83 -3.43
CA ALA A 92 -5.39 12.08 -3.10
C ALA A 92 -6.13 13.28 -3.65
N MET A 93 -5.71 14.47 -3.21
CA MET A 93 -6.12 15.72 -3.83
C MET A 93 -5.15 16.00 -4.97
N TYR A 94 -5.66 16.14 -6.18
CA TYR A 94 -4.81 16.35 -7.35
C TYR A 94 -4.80 17.80 -7.78
N TYR A 95 -3.61 18.40 -7.81
CA TYR A 95 -3.43 19.77 -8.27
C TYR A 95 -2.70 19.82 -9.60
N CYS A 96 -3.03 20.81 -10.40
N CYS A 96 -3.04 20.81 -10.41
CA CYS A 96 -2.23 21.15 -11.57
CA CYS A 96 -2.27 21.16 -11.60
C CYS A 96 -1.46 22.38 -11.17
C CYS A 96 -1.54 22.46 -11.29
N ALA A 97 -0.31 22.59 -11.81
CA ALA A 97 0.55 23.70 -11.43
C ALA A 97 1.39 24.17 -12.59
N ARG A 98 1.50 25.48 -12.70
CA ARG A 98 2.29 26.11 -13.76
C ARG A 98 3.74 26.19 -13.32
N GLN A 99 4.65 25.88 -14.25
CA GLN A 99 6.08 25.95 -13.95
C GLN A 99 6.65 27.30 -14.36
N ILE A 100 7.64 27.76 -13.61
CA ILE A 100 8.40 28.94 -13.99
C ILE A 100 9.19 28.61 -15.25
N ASP A 101 9.50 29.61 -16.07
CA ASP A 101 10.02 29.39 -17.41
C ASP A 101 11.52 29.67 -17.56
N ASP A 102 12.29 29.48 -16.48
CA ASP A 102 13.74 29.66 -16.55
C ASP A 102 14.42 28.41 -17.10
N TYR A 103 13.88 27.25 -16.76
CA TYR A 103 14.46 25.96 -17.15
C TYR A 103 13.33 24.98 -17.45
N TYR A 104 13.60 23.94 -18.24
CA TYR A 104 12.54 23.03 -18.67
C TYR A 104 11.91 22.33 -17.46
N VAL A 105 12.71 22.10 -16.43
CA VAL A 105 12.20 21.69 -15.13
C VAL A 105 12.39 22.85 -14.17
N ASP A 106 11.32 23.25 -13.46
CA ASP A 106 11.37 24.45 -12.64
C ASP A 106 10.36 24.43 -11.50
N ALA A 107 10.45 25.42 -10.63
CA ALA A 107 9.51 25.56 -9.52
C ALA A 107 8.10 25.86 -10.03
N LEU A 108 7.11 25.69 -9.14
CA LEU A 108 5.71 25.84 -9.50
C LEU A 108 5.15 27.14 -8.92
N ASP A 109 4.96 28.16 -9.76
CA ASP A 109 4.61 29.49 -9.27
C ASP A 109 3.10 29.68 -9.04
N TYR A 110 2.27 28.85 -9.65
CA TYR A 110 0.83 28.90 -9.42
C TYR A 110 0.20 27.52 -9.37
N TRP A 111 -0.73 27.36 -8.44
CA TRP A 111 -1.41 26.09 -8.18
C TRP A 111 -2.93 26.27 -8.26
N GLY A 112 -3.62 25.20 -8.64
CA GLY A 112 -5.07 25.18 -8.57
C GLY A 112 -5.53 24.75 -7.20
N GLN A 113 -6.81 24.95 -6.92
CA GLN A 113 -7.37 24.58 -5.62
C GLN A 113 -7.39 23.06 -5.44
N GLY A 114 -7.40 22.34 -6.57
CA GLY A 114 -7.29 20.90 -6.57
C GLY A 114 -8.62 20.19 -6.80
N THR A 115 -8.54 18.94 -7.26
CA THR A 115 -9.72 18.09 -7.39
C THR A 115 -9.46 16.77 -6.67
N SER A 116 -10.45 16.32 -5.90
CA SER A 116 -10.30 15.14 -5.07
C SER A 116 -10.58 13.86 -5.84
N VAL A 117 -9.74 12.85 -5.60
CA VAL A 117 -9.91 11.53 -6.19
C VAL A 117 -9.89 10.48 -5.08
N THR A 118 -10.94 9.66 -5.03
CA THR A 118 -11.03 8.59 -4.04
C THR A 118 -11.14 7.25 -4.75
N VAL A 119 -10.16 6.39 -4.51
CA VAL A 119 -10.15 5.04 -5.08
C VAL A 119 -10.56 4.04 -4.01
N SER A 120 -11.74 3.45 -4.18
CA SER A 120 -12.28 2.55 -3.16
C SER A 120 -13.33 1.60 -3.73
N SER A 121 -13.48 0.45 -3.07
CA SER A 121 -14.48 -0.55 -3.45
C SER A 121 -15.84 -0.22 -2.84
N ALA A 122 -15.85 0.65 -1.84
CA ALA A 122 -17.06 0.99 -1.13
C ALA A 122 -18.07 1.71 -2.03
N SER A 123 -19.36 1.44 -1.79
CA SER A 123 -20.43 2.13 -2.50
C SER A 123 -20.85 3.36 -1.70
N THR A 124 -21.35 4.38 -2.39
CA THR A 124 -21.84 5.58 -1.72
C THR A 124 -22.93 5.21 -0.71
N LYS A 125 -22.79 5.72 0.50
CA LYS A 125 -23.69 5.37 1.59
C LYS A 125 -23.84 6.53 2.56
N GLY A 126 -25.08 6.86 2.89
CA GLY A 126 -25.36 7.92 3.84
C GLY A 126 -25.05 7.47 5.25
N PRO A 127 -24.75 8.41 6.15
CA PRO A 127 -24.33 8.08 7.52
C PRO A 127 -25.45 7.62 8.44
N SER A 128 -25.09 6.85 9.46
CA SER A 128 -25.95 6.59 10.59
C SER A 128 -25.55 7.54 11.70
N VAL A 129 -26.53 8.23 12.27
CA VAL A 129 -26.25 9.24 13.30
C VAL A 129 -26.75 8.76 14.65
N PHE A 130 -25.87 8.79 15.64
CA PHE A 130 -26.19 8.36 17.00
C PHE A 130 -25.87 9.47 18.00
N PRO A 131 -26.64 9.58 19.08
CA PRO A 131 -26.39 10.65 20.04
C PRO A 131 -25.23 10.35 20.99
N LEU A 132 -24.54 11.40 21.42
CA LEU A 132 -23.58 11.34 22.50
C LEU A 132 -24.19 12.08 23.69
N ALA A 133 -24.96 11.36 24.49
CA ALA A 133 -25.82 11.97 25.50
C ALA A 133 -25.02 12.67 26.61
N PRO A 134 -25.50 13.84 27.06
CA PRO A 134 -24.82 14.53 28.16
C PRO A 134 -24.85 13.72 29.45
N SER A 135 -23.73 13.72 30.17
CA SER A 135 -23.59 12.91 31.38
C SER A 135 -24.54 13.36 32.49
N SER A 136 -25.01 12.39 33.27
CA SER A 136 -25.82 12.68 34.45
C SER A 136 -24.96 13.27 35.55
N LYS A 137 -23.66 12.97 35.51
CA LYS A 137 -22.71 13.49 36.48
C LYS A 137 -22.19 14.85 36.04
N GLY A 141 -24.01 23.32 38.03
CA GLY A 141 -23.69 24.72 37.77
C GLY A 141 -22.39 24.88 37.02
N GLY A 142 -22.11 23.95 36.12
CA GLY A 142 -20.91 23.98 35.30
C GLY A 142 -21.24 23.84 33.83
N THR A 143 -20.35 23.19 33.09
CA THR A 143 -20.54 22.96 31.66
C THR A 143 -20.54 21.46 31.35
N ALA A 144 -21.50 21.04 30.53
CA ALA A 144 -21.61 19.64 30.10
C ALA A 144 -21.27 19.53 28.63
N ALA A 145 -20.88 18.33 28.22
CA ALA A 145 -20.57 18.05 26.81
C ALA A 145 -21.58 17.07 26.23
N LEU A 146 -21.97 17.33 24.99
CA LEU A 146 -22.83 16.42 24.25
C LEU A 146 -22.46 16.52 22.78
N GLY A 147 -22.95 15.58 21.98
CA GLY A 147 -22.63 15.57 20.57
C GLY A 147 -23.40 14.51 19.80
N CYS A 148 -22.86 14.16 18.62
N CYS A 148 -22.93 14.17 18.60
CA CYS A 148 -23.45 13.16 17.75
CA CYS A 148 -23.49 13.02 17.90
C CYS A 148 -22.34 12.31 17.13
C CYS A 148 -22.45 12.34 17.03
N LEU A 149 -22.64 11.03 16.87
CA LEU A 149 -21.67 10.15 16.22
C LEU A 149 -22.15 9.84 14.82
N VAL A 150 -21.40 10.28 13.83
CA VAL A 150 -21.75 10.13 12.42
C VAL A 150 -20.97 8.96 11.84
N LYS A 151 -21.62 7.80 11.76
CA LYS A 151 -20.93 6.53 11.51
C LYS A 151 -21.26 5.91 10.16
N ASP A 152 -20.27 5.24 9.57
CA ASP A 152 -20.46 4.40 8.39
C ASP A 152 -21.05 5.13 7.20
N TYR A 153 -20.34 6.14 6.70
CA TYR A 153 -20.71 6.80 5.46
C TYR A 153 -19.57 6.78 4.46
N PHE A 154 -19.93 6.97 3.20
CA PHE A 154 -18.96 7.04 2.11
C PHE A 154 -19.58 7.75 0.93
N PRO A 155 -18.82 8.63 0.26
CA PRO A 155 -17.45 9.09 0.57
C PRO A 155 -17.46 10.28 1.51
N GLU A 156 -16.31 10.94 1.65
CA GLU A 156 -16.26 12.24 2.28
C GLU A 156 -16.85 13.23 1.28
N PRO A 157 -17.33 14.44 1.89
CA PRO A 157 -17.48 15.07 3.42
C PRO A 157 -18.90 14.93 3.93
N VAL A 158 -19.07 15.11 5.22
CA VAL A 158 -20.37 15.27 5.89
C VAL A 158 -20.33 16.67 6.48
N THR A 159 -21.40 17.40 6.44
CA THR A 159 -21.41 18.71 7.11
C THR A 159 -22.27 18.53 8.35
N VAL A 160 -21.83 18.99 9.49
CA VAL A 160 -22.61 18.96 10.72
C VAL A 160 -22.86 20.37 11.24
N SER A 161 -24.10 20.65 11.60
CA SER A 161 -24.47 21.90 12.26
C SER A 161 -25.29 21.56 13.49
N TRP A 162 -25.50 22.56 14.35
CA TRP A 162 -26.25 22.36 15.59
C TRP A 162 -27.37 23.39 15.72
N ASN A 163 -28.55 22.90 16.09
CA ASN A 163 -29.74 23.74 16.19
C ASN A 163 -29.94 24.58 14.93
N SER A 164 -29.67 23.97 13.79
CA SER A 164 -29.83 24.62 12.49
C SER A 164 -28.98 25.89 12.40
N GLY A 165 -27.76 25.82 12.91
CA GLY A 165 -26.80 26.91 12.79
C GLY A 165 -26.84 27.92 13.93
N ALA A 166 -27.85 27.82 14.79
CA ALA A 166 -28.01 28.76 15.89
C ALA A 166 -26.95 28.52 16.97
N LEU A 167 -26.41 27.32 17.01
CA LEU A 167 -25.38 26.93 17.98
C LEU A 167 -24.06 26.66 17.26
N THR A 168 -23.11 27.57 17.43
CA THR A 168 -21.81 27.48 16.77
C THR A 168 -20.66 27.56 17.77
N SER A 169 -20.88 28.28 18.86
CA SER A 169 -19.84 28.46 19.87
C SER A 169 -19.60 27.18 20.66
N GLY A 170 -18.32 26.79 20.78
CA GLY A 170 -17.95 25.61 21.53
C GLY A 170 -18.07 24.32 20.74
N VAL A 171 -18.44 24.43 19.46
CA VAL A 171 -18.60 23.26 18.61
C VAL A 171 -17.25 22.79 18.06
N HIS A 172 -17.05 21.48 18.09
CA HIS A 172 -15.88 20.85 17.47
C HIS A 172 -16.32 19.66 16.64
N THR A 173 -16.18 19.77 15.32
CA THR A 173 -16.43 18.65 14.42
C THR A 173 -15.10 18.07 13.98
N PHE A 174 -14.81 16.85 14.42
CA PHE A 174 -13.50 16.24 14.22
C PHE A 174 -13.31 15.75 12.79
N PRO A 175 -12.04 15.68 12.34
CA PRO A 175 -11.79 15.05 11.04
C PRO A 175 -12.24 13.59 11.05
N ALA A 176 -12.76 13.13 9.92
CA ALA A 176 -13.22 11.75 9.81
C ALA A 176 -12.05 10.77 9.81
N VAL A 177 -12.30 9.57 10.31
CA VAL A 177 -11.33 8.48 10.23
C VAL A 177 -11.90 7.38 9.32
N LEU A 178 -11.02 6.78 8.53
CA LEU A 178 -11.41 5.67 7.67
C LEU A 178 -11.31 4.36 8.44
N GLN A 179 -12.47 3.70 8.63
CA GLN A 179 -12.50 2.44 9.36
C GLN A 179 -12.05 1.30 8.46
N SER A 180 -11.72 0.16 9.05
CA SER A 180 -11.28 -1.01 8.29
C SER A 180 -12.39 -1.49 7.35
N SER A 181 -13.64 -1.12 7.67
CA SER A 181 -14.78 -1.47 6.83
C SER A 181 -14.75 -0.70 5.51
N GLY A 182 -13.90 0.30 5.42
CA GLY A 182 -13.81 1.13 4.24
C GLY A 182 -14.80 2.28 4.26
N LEU A 183 -15.47 2.44 5.40
CA LEU A 183 -16.43 3.53 5.60
C LEU A 183 -15.86 4.54 6.59
N TYR A 184 -16.28 5.79 6.45
CA TYR A 184 -15.78 6.87 7.32
C TYR A 184 -16.64 7.02 8.56
N SER A 185 -16.07 7.65 9.58
CA SER A 185 -16.77 7.92 10.82
C SER A 185 -16.17 9.15 11.50
N LEU A 186 -17.03 9.99 12.06
CA LEU A 186 -16.58 11.14 12.85
C LEU A 186 -17.58 11.49 13.93
N SER A 187 -17.16 12.36 14.84
CA SER A 187 -18.03 12.86 15.89
C SER A 187 -18.06 14.39 15.86
N SER A 188 -19.20 14.94 16.24
CA SER A 188 -19.34 16.38 16.43
C SER A 188 -19.82 16.63 17.85
N VAL A 189 -19.04 17.38 18.62
CA VAL A 189 -19.36 17.65 20.02
C VAL A 189 -19.51 19.14 20.28
N VAL A 190 -20.19 19.46 21.38
CA VAL A 190 -20.35 20.85 21.80
C VAL A 190 -20.48 20.90 23.31
N THR A 191 -19.83 21.90 23.92
CA THR A 191 -19.94 22.13 25.35
C THR A 191 -20.99 23.19 25.62
N VAL A 192 -21.94 22.86 26.49
CA VAL A 192 -23.03 23.76 26.83
C VAL A 192 -23.16 23.85 28.35
N PRO A 193 -23.88 24.87 28.84
CA PRO A 193 -24.07 24.97 30.29
C PRO A 193 -24.92 23.81 30.82
N SER A 194 -24.56 23.28 31.98
CA SER A 194 -25.30 22.18 32.59
C SER A 194 -26.75 22.59 32.87
N SER A 195 -26.94 23.86 33.24
CA SER A 195 -28.26 24.39 33.56
C SER A 195 -29.22 24.33 32.37
N SER A 196 -28.67 24.37 31.16
CA SER A 196 -29.49 24.40 29.95
C SER A 196 -30.06 23.02 29.61
N LEU A 197 -29.47 21.97 30.16
CA LEU A 197 -29.95 20.61 29.93
C LEU A 197 -31.35 20.44 30.49
N GLY A 198 -32.25 19.87 29.69
CA GLY A 198 -33.63 19.69 30.08
C GLY A 198 -34.51 20.83 29.61
N THR A 199 -33.94 22.03 29.56
CA THR A 199 -34.65 23.21 29.08
C THR A 199 -34.45 23.41 27.59
N GLN A 200 -33.19 23.50 27.17
CA GLN A 200 -32.84 23.72 25.77
C GLN A 200 -32.73 22.41 24.99
N THR A 201 -33.40 22.35 23.85
CA THR A 201 -33.29 21.20 22.95
C THR A 201 -32.04 21.33 22.09
N TYR A 202 -31.32 20.22 21.91
CA TYR A 202 -30.12 20.20 21.07
C TYR A 202 -30.25 19.19 19.95
N ILE A 203 -30.20 19.69 18.71
CA ILE A 203 -30.34 18.87 17.52
C ILE A 203 -29.13 19.05 16.62
N CYS A 204 -28.50 17.95 16.21
CA CYS A 204 -27.41 18.02 15.24
C CYS A 204 -27.94 17.67 13.86
N ASN A 205 -27.62 18.51 12.89
CA ASN A 205 -28.07 18.34 11.51
C ASN A 205 -26.93 17.85 10.63
N VAL A 206 -27.08 16.63 10.13
CA VAL A 206 -26.03 15.97 9.35
C VAL A 206 -26.41 15.88 7.89
N ASN A 207 -25.59 16.47 7.03
CA ASN A 207 -25.78 16.44 5.59
C ASN A 207 -24.69 15.64 4.88
N HIS A 208 -25.11 14.76 3.98
CA HIS A 208 -24.17 14.00 3.17
C HIS A 208 -24.56 14.14 1.71
N LYS A 209 -23.96 15.12 1.04
CA LYS A 209 -24.31 15.48 -0.33
C LYS A 209 -24.17 14.32 -1.33
N PRO A 210 -23.10 13.51 -1.20
CA PRO A 210 -22.92 12.40 -2.15
C PRO A 210 -24.11 11.44 -2.23
N SER A 211 -24.80 11.20 -1.11
CA SER A 211 -25.96 10.32 -1.10
C SER A 211 -27.26 11.12 -1.10
N ASN A 212 -27.14 12.44 -1.13
CA ASN A 212 -28.29 13.34 -1.08
C ASN A 212 -29.10 13.09 0.19
N THR A 213 -28.40 12.84 1.28
CA THR A 213 -29.00 12.46 2.55
C THR A 213 -28.92 13.57 3.60
N LYS A 214 -29.99 13.71 4.38
CA LYS A 214 -30.03 14.66 5.49
C LYS A 214 -30.63 13.98 6.72
N VAL A 215 -29.93 14.08 7.85
CA VAL A 215 -30.39 13.47 9.10
C VAL A 215 -30.38 14.49 10.24
N ASP A 216 -31.50 14.56 10.96
CA ASP A 216 -31.61 15.34 12.18
C ASP A 216 -31.69 14.40 13.37
N LYS A 217 -30.91 14.69 14.42
CA LYS A 217 -30.88 13.86 15.60
C LYS A 217 -30.92 14.72 16.88
N LYS A 218 -32.00 14.59 17.64
CA LYS A 218 -32.13 15.27 18.92
C LYS A 218 -31.26 14.56 19.97
N VAL A 219 -30.46 15.34 20.68
CA VAL A 219 -29.58 14.80 21.71
C VAL A 219 -30.07 15.26 23.08
N GLU A 220 -30.50 14.34 23.95
CA GLU A 220 -31.04 14.68 25.29
C GLU A 220 -30.42 13.78 26.34
N PRO A 221 -30.46 14.08 27.66
CA PRO A 221 -29.90 13.17 28.65
C PRO A 221 -30.66 11.84 28.63
N LYS A 222 -29.96 10.72 28.75
CA LYS A 222 -30.66 9.40 28.70
C LYS A 222 -31.50 9.23 29.97
N ASP B 1 16.37 9.45 -7.56
CA ASP B 1 15.53 10.57 -7.03
C ASP B 1 16.28 11.36 -5.96
N VAL B 2 16.06 12.67 -5.92
CA VAL B 2 16.63 13.50 -4.87
C VAL B 2 15.74 13.43 -3.63
N GLN B 3 16.28 12.86 -2.55
CA GLN B 3 15.55 12.78 -1.29
C GLN B 3 15.80 14.05 -0.47
N ILE B 4 14.74 14.62 0.07
CA ILE B 4 14.81 15.87 0.80
C ILE B 4 14.34 15.68 2.24
N THR B 5 15.21 16.03 3.19
CA THR B 5 14.89 15.95 4.60
C THR B 5 14.59 17.33 5.16
N GLN B 6 13.31 17.59 5.43
CA GLN B 6 12.87 18.87 5.99
C GLN B 6 12.74 18.78 7.50
N SER B 7 13.28 19.78 8.19
CA SER B 7 13.23 19.83 9.65
C SER B 7 13.21 21.26 10.17
N PRO B 8 12.55 21.49 11.31
CA PRO B 8 11.81 20.52 12.11
C PRO B 8 10.43 20.25 11.54
N SER B 9 9.76 19.20 12.04
CA SER B 9 8.42 18.88 11.58
C SER B 9 7.39 19.87 12.15
N TYR B 10 7.67 20.35 13.35
CA TYR B 10 6.75 21.25 14.05
C TYR B 10 7.49 22.43 14.67
N LEU B 11 6.82 23.58 14.68
CA LEU B 11 7.38 24.79 15.25
C LEU B 11 6.30 25.58 15.99
N ALA B 12 6.58 25.91 17.25
CA ALA B 12 5.69 26.75 18.04
C ALA B 12 6.35 28.10 18.27
N ALA B 13 5.66 29.16 17.87
CA ALA B 13 6.19 30.52 17.99
C ALA B 13 5.06 31.52 18.24
N SER B 14 5.45 32.76 18.52
CA SER B 14 4.50 33.84 18.75
C SER B 14 4.73 34.95 17.73
N PRO B 15 3.69 35.76 17.46
CA PRO B 15 3.85 36.89 16.54
C PRO B 15 4.96 37.84 16.99
N GLY B 16 5.77 38.30 16.03
CA GLY B 16 6.89 39.18 16.32
C GLY B 16 8.22 38.44 16.39
N GLU B 17 8.16 37.14 16.58
CA GLU B 17 9.37 36.34 16.71
C GLU B 17 9.96 35.96 15.36
N THR B 18 11.15 35.36 15.38
CA THR B 18 11.81 34.83 14.19
C THR B 18 11.98 33.33 14.31
N ILE B 19 11.75 32.62 13.20
CA ILE B 19 11.99 31.18 13.14
C ILE B 19 12.71 30.83 11.84
N THR B 20 13.30 29.64 11.81
CA THR B 20 13.92 29.15 10.59
C THR B 20 13.53 27.69 10.33
N ILE B 21 13.38 27.36 9.05
CA ILE B 21 13.07 26.00 8.62
C ILE B 21 14.20 25.52 7.71
N ASN B 22 14.62 24.27 7.90
CA ASN B 22 15.77 23.72 7.18
C ASN B 22 15.40 22.59 6.23
N CYS B 23 16.17 22.47 5.15
CA CYS B 23 16.01 21.38 4.18
C CYS B 23 17.36 20.95 3.63
N ARG B 24 17.59 19.63 3.64
CA ARG B 24 18.82 19.05 3.13
C ARG B 24 18.53 18.07 1.99
N ALA B 25 19.17 18.31 0.84
CA ALA B 25 19.01 17.43 -0.32
C ALA B 25 20.05 16.30 -0.27
N SER B 26 19.67 15.15 -0.80
CA SER B 26 20.54 13.97 -0.77
C SER B 26 21.71 14.08 -1.74
N LYS B 27 21.66 15.08 -2.62
CA LYS B 27 22.76 15.35 -3.54
C LYS B 27 22.83 16.85 -3.82
N ILE B 28 23.96 17.29 -4.37
CA ILE B 28 24.13 18.69 -4.74
C ILE B 28 23.14 19.08 -5.83
N ILE B 29 22.35 20.11 -5.57
CA ILE B 29 21.33 20.57 -6.51
C ILE B 29 21.52 22.05 -6.83
N SER B 30 22.75 22.53 -6.65
CA SER B 30 23.04 23.96 -6.77
C SER B 30 22.08 24.74 -5.86
N LYS B 31 21.49 25.81 -6.38
CA LYS B 31 20.60 26.67 -5.57
C LYS B 31 19.12 26.34 -5.75
N TYR B 32 18.82 25.37 -6.60
CA TYR B 32 17.45 25.18 -7.06
C TYR B 32 16.55 24.45 -6.07
N LEU B 33 16.18 25.18 -5.02
CA LEU B 33 15.29 24.72 -3.97
C LEU B 33 14.19 25.76 -3.80
N ALA B 34 12.93 25.31 -3.76
CA ALA B 34 11.80 26.22 -3.62
C ALA B 34 11.07 26.02 -2.30
N TRP B 35 10.45 27.09 -1.81
CA TRP B 35 9.67 27.06 -0.57
C TRP B 35 8.22 27.40 -0.84
N TYR B 36 7.31 26.60 -0.27
CA TYR B 36 5.87 26.80 -0.48
C TYR B 36 5.13 26.95 0.85
N GLN B 37 4.05 27.72 0.82
CA GLN B 37 3.18 27.89 1.98
C GLN B 37 1.80 27.33 1.68
N GLU B 38 1.24 26.57 2.62
CA GLU B 38 -0.10 26.03 2.48
C GLU B 38 -0.99 26.45 3.64
N LYS B 39 -2.13 27.05 3.31
CA LYS B 39 -3.11 27.45 4.30
C LYS B 39 -4.47 26.88 3.89
N PRO B 40 -5.33 26.57 4.88
CA PRO B 40 -6.63 25.98 4.52
C PRO B 40 -7.50 26.93 3.71
N GLY B 41 -8.18 26.40 2.71
CA GLY B 41 -9.07 27.19 1.86
C GLY B 41 -8.35 28.03 0.82
N LYS B 42 -7.02 27.95 0.81
CA LYS B 42 -6.22 28.73 -0.13
C LYS B 42 -5.37 27.81 -0.99
N THR B 43 -5.04 28.27 -2.20
CA THR B 43 -4.14 27.53 -3.07
C THR B 43 -2.73 27.58 -2.49
N ILE B 44 -1.94 26.55 -2.78
CA ILE B 44 -0.55 26.52 -2.34
C ILE B 44 0.21 27.66 -3.00
N LYS B 45 1.01 28.38 -2.21
CA LYS B 45 1.71 29.57 -2.68
C LYS B 45 3.21 29.38 -2.71
N LEU B 46 3.82 29.77 -3.83
CA LEU B 46 5.28 29.81 -3.93
C LEU B 46 5.81 31.05 -3.21
N LEU B 47 6.73 30.83 -2.28
CA LEU B 47 7.34 31.91 -1.52
C LEU B 47 8.66 32.32 -2.14
N ILE B 48 9.52 31.32 -2.34
CA ILE B 48 10.89 31.52 -2.80
C ILE B 48 11.27 30.41 -3.76
N TYR B 49 11.96 30.78 -4.84
CA TYR B 49 12.48 29.80 -5.79
C TYR B 49 13.96 30.07 -6.04
N SER B 50 14.64 29.08 -6.61
CA SER B 50 16.08 29.14 -6.81
C SER B 50 16.79 29.47 -5.50
N GLY B 51 16.26 28.92 -4.41
CA GLY B 51 16.89 29.03 -3.10
C GLY B 51 16.65 30.32 -2.36
N PHE B 52 16.83 31.46 -3.03
CA PHE B 52 16.95 32.74 -2.34
C PHE B 52 16.14 33.86 -2.98
N THR B 53 15.49 33.59 -4.11
CA THR B 53 14.75 34.62 -4.83
C THR B 53 13.28 34.63 -4.42
N LEU B 54 12.84 35.73 -3.82
CA LEU B 54 11.44 35.87 -3.43
C LEU B 54 10.55 36.03 -4.67
N GLN B 55 9.39 35.36 -4.63
CA GLN B 55 8.39 35.54 -5.67
C GLN B 55 7.77 36.91 -5.49
N SER B 56 7.26 37.47 -6.58
CA SER B 56 6.62 38.78 -6.54
C SER B 56 5.44 38.81 -5.58
N GLY B 57 5.36 39.86 -4.76
CA GLY B 57 4.26 40.04 -3.84
C GLY B 57 4.46 39.39 -2.48
N ILE B 58 5.53 38.61 -2.35
CA ILE B 58 5.83 37.95 -1.07
C ILE B 58 6.47 38.95 -0.11
N PRO B 59 5.99 39.00 1.15
CA PRO B 59 6.51 40.00 2.10
C PRO B 59 7.99 39.82 2.45
N SER B 60 8.64 40.91 2.87
CA SER B 60 10.06 40.90 3.19
C SER B 60 10.38 40.13 4.47
N ARG B 61 9.35 39.67 5.18
CA ARG B 61 9.53 38.84 6.36
C ARG B 61 10.23 37.54 5.99
N PHE B 62 10.04 37.11 4.74
CA PHE B 62 10.62 35.87 4.25
C PHE B 62 11.97 36.11 3.57
N SER B 63 12.92 35.21 3.81
CA SER B 63 14.20 35.23 3.11
C SER B 63 14.77 33.82 3.05
N GLY B 64 15.63 33.57 2.07
CA GLY B 64 16.21 32.26 1.84
C GLY B 64 17.73 32.30 1.84
N SER B 65 18.32 31.34 2.55
CA SER B 65 19.77 31.19 2.57
C SER B 65 20.09 29.71 2.38
N GLY B 66 21.37 29.40 2.23
CA GLY B 66 21.77 28.02 2.00
C GLY B 66 23.27 27.84 1.84
N SER B 67 23.71 26.59 1.95
CA SER B 67 25.10 26.23 1.76
C SER B 67 25.20 24.77 1.37
N GLY B 68 25.78 24.50 0.21
CA GLY B 68 25.91 23.14 -0.29
C GLY B 68 24.55 22.50 -0.50
N THR B 69 24.33 21.39 0.18
CA THR B 69 23.06 20.66 0.08
C THR B 69 21.98 21.22 1.01
N ASP B 70 22.38 22.11 1.93
CA ASP B 70 21.48 22.63 2.94
C ASP B 70 20.86 23.98 2.58
N PHE B 71 19.58 24.13 2.87
CA PHE B 71 18.86 25.37 2.63
C PHE B 71 18.09 25.78 3.88
N THR B 72 17.88 27.08 4.03
CA THR B 72 17.19 27.61 5.21
C THR B 72 16.21 28.73 4.84
N LEU B 73 14.97 28.57 5.28
CA LEU B 73 13.96 29.61 5.15
C LEU B 73 13.87 30.39 6.46
N THR B 74 13.96 31.71 6.36
CA THR B 74 13.78 32.57 7.53
C THR B 74 12.43 33.27 7.43
N ILE B 75 11.69 33.27 8.53
CA ILE B 75 10.52 34.13 8.67
C ILE B 75 10.66 34.96 9.94
N SER B 76 10.93 36.25 9.77
CA SER B 76 11.13 37.16 10.90
C SER B 76 9.91 38.04 11.11
N SER B 77 9.81 38.64 12.30
CA SER B 77 8.71 39.52 12.65
C SER B 77 7.37 38.87 12.33
N LEU B 78 7.21 37.62 12.75
CA LEU B 78 6.05 36.81 12.42
C LEU B 78 4.71 37.52 12.59
N GLU B 79 3.87 37.40 11.58
CA GLU B 79 2.50 37.89 11.63
C GLU B 79 1.56 36.70 11.79
N PRO B 80 0.35 36.93 12.32
CA PRO B 80 -0.63 35.85 12.52
C PRO B 80 -0.86 35.00 11.26
N GLU B 81 -0.84 35.64 10.10
CA GLU B 81 -1.11 34.94 8.84
C GLU B 81 0.04 34.02 8.43
N ASP B 82 1.20 34.17 9.06
CA ASP B 82 2.38 33.37 8.70
C ASP B 82 2.32 31.97 9.31
N PHE B 83 1.43 31.76 10.27
CA PHE B 83 1.31 30.46 10.90
C PHE B 83 0.53 29.53 10.00
N ALA B 84 1.26 28.59 9.40
CA ALA B 84 0.75 27.76 8.33
C ALA B 84 1.63 26.53 8.14
N MET B 85 1.40 25.82 7.05
CA MET B 85 2.22 24.67 6.68
C MET B 85 3.26 25.10 5.65
N TYR B 86 4.49 24.61 5.78
CA TYR B 86 5.56 24.95 4.86
C TYR B 86 6.24 23.72 4.28
N TYR B 87 6.47 23.75 2.97
CA TYR B 87 7.10 22.65 2.25
C TYR B 87 8.26 23.15 1.38
N CYS B 88 9.37 22.42 1.39
CA CYS B 88 10.46 22.68 0.46
C CYS B 88 10.39 21.71 -0.72
N GLN B 89 11.07 22.07 -1.80
CA GLN B 89 11.03 21.28 -3.03
C GLN B 89 12.22 21.62 -3.92
N GLN B 90 12.95 20.61 -4.38
CA GLN B 90 14.02 20.83 -5.34
C GLN B 90 13.43 20.85 -6.74
N HIS B 91 13.88 21.80 -7.55
CA HIS B 91 13.47 21.89 -8.95
C HIS B 91 14.72 21.91 -9.82
N ASN B 92 15.69 21.10 -9.42
CA ASN B 92 16.92 20.93 -10.18
C ASN B 92 16.74 19.87 -11.27
N GLU B 93 15.88 18.89 -10.99
CA GLU B 93 15.67 17.78 -11.91
C GLU B 93 14.34 17.08 -11.69
N TYR B 94 13.85 16.40 -12.72
CA TYR B 94 12.70 15.51 -12.56
C TYR B 94 13.18 14.17 -12.00
N PRO B 95 12.36 13.53 -11.15
CA PRO B 95 11.08 13.99 -10.62
C PRO B 95 11.24 15.09 -9.58
N LEU B 96 10.32 16.05 -9.57
CA LEU B 96 10.29 17.04 -8.49
C LEU B 96 10.00 16.30 -7.19
N THR B 97 10.74 16.65 -6.14
CA THR B 97 10.58 15.99 -4.85
C THR B 97 10.40 17.02 -3.74
N PHE B 98 9.60 16.67 -2.74
CA PHE B 98 9.22 17.59 -1.67
C PHE B 98 9.75 17.12 -0.32
N GLY B 99 9.96 18.07 0.58
CA GLY B 99 10.20 17.76 1.98
C GLY B 99 8.89 17.33 2.61
N ALA B 100 8.96 16.70 3.77
CA ALA B 100 7.76 16.16 4.41
C ALA B 100 6.94 17.27 5.08
N GLY B 101 7.50 18.47 5.16
CA GLY B 101 6.77 19.64 5.59
C GLY B 101 7.03 20.08 7.03
N THR B 102 6.67 21.33 7.31
CA THR B 102 6.79 21.90 8.66
C THR B 102 5.50 22.64 9.03
N LYS B 103 4.92 22.27 10.17
CA LYS B 103 3.74 22.95 10.68
C LYS B 103 4.14 24.03 11.69
N LEU B 104 3.83 25.28 11.37
CA LEU B 104 4.16 26.41 12.25
C LEU B 104 2.91 26.84 13.02
N GLU B 105 2.88 26.46 14.29
CA GLU B 105 1.72 26.67 15.17
C GLU B 105 1.93 27.84 16.14
N ILE B 106 0.82 28.31 16.72
CA ILE B 106 0.85 29.39 17.69
C ILE B 106 1.18 28.89 19.08
N LYS B 107 2.18 29.51 19.70
CA LYS B 107 2.57 29.16 21.06
C LYS B 107 1.56 29.74 22.05
N ARG B 108 1.26 28.99 23.10
CA ARG B 108 0.40 29.49 24.18
C ARG B 108 0.65 28.74 25.48
N THR B 109 0.03 29.21 26.56
CA THR B 109 0.18 28.59 27.86
C THR B 109 -0.40 27.18 27.87
N VAL B 110 0.16 26.32 28.72
CA VAL B 110 -0.32 24.95 28.86
C VAL B 110 -1.77 24.96 29.35
N ALA B 111 -2.61 24.16 28.70
CA ALA B 111 -4.01 24.04 29.07
C ALA B 111 -4.41 22.57 29.15
N ALA B 112 -4.92 22.16 30.31
CA ALA B 112 -5.35 20.79 30.49
C ALA B 112 -6.69 20.57 29.79
N PRO B 113 -6.94 19.34 29.30
CA PRO B 113 -8.21 19.06 28.65
C PRO B 113 -9.34 18.77 29.64
N SER B 114 -10.56 19.14 29.28
CA SER B 114 -11.74 18.68 30.00
C SER B 114 -12.14 17.35 29.39
N VAL B 115 -12.18 16.29 30.20
CA VAL B 115 -12.41 14.95 29.69
C VAL B 115 -13.86 14.51 29.89
N PHE B 116 -14.42 13.89 28.86
CA PHE B 116 -15.79 13.38 28.89
C PHE B 116 -15.83 11.99 28.25
N ILE B 117 -16.63 11.10 28.83
CA ILE B 117 -16.84 9.76 28.28
C ILE B 117 -18.31 9.58 27.90
N PHE B 118 -18.54 8.96 26.74
CA PHE B 118 -19.89 8.74 26.24
C PHE B 118 -20.16 7.25 25.99
N PRO B 119 -21.20 6.69 26.63
CA PRO B 119 -21.54 5.30 26.32
C PRO B 119 -22.20 5.20 24.94
N PRO B 120 -22.22 3.99 24.36
CA PRO B 120 -22.95 3.82 23.11
C PRO B 120 -24.45 3.99 23.30
N SER B 121 -25.15 4.48 22.28
CA SER B 121 -26.59 4.64 22.35
C SER B 121 -27.26 3.27 22.23
N ASP B 122 -28.49 3.16 22.73
CA ASP B 122 -29.24 1.93 22.59
C ASP B 122 -29.56 1.67 21.13
N GLU B 123 -29.78 2.74 20.37
CA GLU B 123 -30.09 2.64 18.95
C GLU B 123 -28.96 1.93 18.20
N GLN B 124 -27.72 2.29 18.53
CA GLN B 124 -26.57 1.66 17.89
C GLN B 124 -26.42 0.20 18.33
N LEU B 125 -26.63 -0.07 19.61
CA LEU B 125 -26.52 -1.42 20.14
C LEU B 125 -27.46 -2.38 19.42
N LYS B 126 -28.61 -1.85 19.00
CA LYS B 126 -29.59 -2.63 18.25
C LYS B 126 -29.01 -3.07 16.90
N SER B 127 -28.08 -2.29 16.36
CA SER B 127 -27.41 -2.66 15.11
C SER B 127 -26.28 -3.67 15.31
N GLY B 128 -26.02 -4.04 16.56
CA GLY B 128 -24.98 -5.01 16.86
C GLY B 128 -23.58 -4.48 17.13
N THR B 129 -23.45 -3.16 17.24
CA THR B 129 -22.13 -2.55 17.42
C THR B 129 -22.19 -1.54 18.56
N ALA B 130 -21.06 -1.38 19.26
CA ALA B 130 -20.94 -0.42 20.34
C ALA B 130 -19.75 0.51 20.12
N SER B 131 -20.03 1.80 20.04
CA SER B 131 -18.99 2.82 19.97
C SER B 131 -18.92 3.59 21.28
N VAL B 132 -17.75 3.59 21.91
CA VAL B 132 -17.52 4.35 23.13
C VAL B 132 -16.58 5.51 22.80
N VAL B 133 -17.02 6.73 23.12
CA VAL B 133 -16.28 7.92 22.76
C VAL B 133 -15.72 8.63 24.00
N CYS B 134 -14.44 9.00 23.92
CA CYS B 134 -13.78 9.78 24.95
C CYS B 134 -13.32 11.11 24.35
N LEU B 135 -13.77 12.22 24.94
CA LEU B 135 -13.49 13.54 24.41
C LEU B 135 -12.49 14.31 25.28
N LEU B 136 -11.44 14.81 24.65
CA LEU B 136 -10.47 15.70 25.30
C LEU B 136 -10.65 17.10 24.71
N ASN B 137 -11.16 18.03 25.51
CA ASN B 137 -11.58 19.33 25.00
C ASN B 137 -10.63 20.48 25.35
N ASN B 138 -10.23 21.24 24.35
CA ASN B 138 -9.49 22.48 24.51
C ASN B 138 -8.23 22.37 25.38
N PHE B 139 -7.24 21.64 24.87
CA PHE B 139 -5.97 21.50 25.57
C PHE B 139 -4.78 21.97 24.72
N TYR B 140 -3.67 22.24 25.40
CA TYR B 140 -2.41 22.58 24.72
C TYR B 140 -1.25 22.20 25.64
N PRO B 141 -0.17 21.62 25.09
CA PRO B 141 0.09 21.29 23.68
C PRO B 141 -0.67 20.07 23.18
N ARG B 142 -0.46 19.73 21.91
CA ARG B 142 -1.22 18.66 21.25
C ARG B 142 -0.92 17.27 21.82
N GLU B 143 0.32 17.05 22.26
CA GLU B 143 0.73 15.73 22.75
C GLU B 143 -0.12 15.27 23.92
N ALA B 144 -0.82 14.15 23.73
CA ALA B 144 -1.66 13.58 24.78
C ALA B 144 -1.79 12.08 24.60
N LYS B 145 -1.98 11.37 25.72
CA LYS B 145 -2.13 9.92 25.71
C LYS B 145 -3.50 9.52 26.23
N VAL B 146 -4.25 8.80 25.40
CA VAL B 146 -5.56 8.27 25.77
C VAL B 146 -5.50 6.76 25.88
N GLN B 147 -5.86 6.25 27.05
CA GLN B 147 -5.78 4.81 27.33
C GLN B 147 -7.16 4.27 27.72
N TRP B 148 -7.69 3.37 26.90
CA TRP B 148 -8.97 2.74 27.19
C TRP B 148 -8.79 1.55 28.11
N LYS B 149 -9.70 1.41 29.07
CA LYS B 149 -9.69 0.27 29.99
C LYS B 149 -11.11 -0.26 30.17
N VAL B 150 -11.25 -1.58 30.02
CA VAL B 150 -12.53 -2.26 30.23
C VAL B 150 -12.36 -3.27 31.34
N ASP B 151 -12.97 -2.99 32.49
CA ASP B 151 -12.76 -3.78 33.70
C ASP B 151 -11.27 -3.88 33.99
N ASN B 152 -10.60 -2.72 34.00
CA ASN B 152 -9.17 -2.60 34.31
C ASN B 152 -8.24 -3.27 33.29
N ALA B 153 -8.80 -3.88 32.26
CA ALA B 153 -7.99 -4.47 31.19
C ALA B 153 -7.66 -3.41 30.14
N LEU B 154 -6.38 -3.16 29.94
CA LEU B 154 -5.94 -2.18 28.95
C LEU B 154 -6.31 -2.61 27.53
N GLN B 155 -7.03 -1.75 26.82
CA GLN B 155 -7.46 -2.04 25.46
C GLN B 155 -6.35 -1.73 24.47
N SER B 156 -6.34 -2.45 23.36
CA SER B 156 -5.31 -2.27 22.34
C SER B 156 -5.82 -2.67 20.95
N GLY B 157 -5.58 -1.81 19.98
CA GLY B 157 -5.88 -2.12 18.58
C GLY B 157 -7.34 -1.96 18.20
N ASN B 158 -8.19 -1.55 19.14
CA ASN B 158 -9.62 -1.42 18.88
C ASN B 158 -10.11 0.02 19.06
N SER B 159 -9.19 0.98 18.97
CA SER B 159 -9.53 2.39 19.07
C SER B 159 -8.92 3.21 17.93
N GLN B 160 -9.55 4.33 17.62
CA GLN B 160 -9.03 5.27 16.63
C GLN B 160 -9.12 6.69 17.19
N GLU B 161 -8.09 7.49 16.95
CA GLU B 161 -8.05 8.87 17.42
C GLU B 161 -8.24 9.87 16.29
N SER B 162 -8.75 11.06 16.64
CA SER B 162 -8.91 12.15 15.71
C SER B 162 -8.71 13.47 16.44
N VAL B 163 -7.97 14.40 15.82
CA VAL B 163 -7.64 15.67 16.46
C VAL B 163 -7.96 16.85 15.54
N THR B 164 -8.53 17.90 16.11
CA THR B 164 -8.82 19.13 15.37
C THR B 164 -7.55 19.95 15.15
N GLU B 165 -7.65 20.94 14.27
CA GLU B 165 -6.59 21.92 14.10
C GLU B 165 -6.70 22.98 15.20
N GLN B 166 -5.66 23.78 15.37
CA GLN B 166 -5.66 24.81 16.40
C GLN B 166 -6.89 25.70 16.29
N ASP B 167 -7.53 25.95 17.43
CA ASP B 167 -8.72 26.80 17.47
C ASP B 167 -8.34 28.24 17.15
N SER B 168 -9.10 28.87 16.26
CA SER B 168 -8.80 30.23 15.82
C SER B 168 -8.76 31.23 16.96
N LYS B 169 -9.54 30.98 18.01
CA LYS B 169 -9.68 31.94 19.09
C LYS B 169 -8.71 31.69 20.26
N ASP B 170 -8.66 30.47 20.80
CA ASP B 170 -7.83 30.20 21.97
C ASP B 170 -6.64 29.27 21.66
N SER B 171 -6.45 28.93 20.39
CA SER B 171 -5.27 28.19 19.94
C SER B 171 -5.08 26.84 20.63
N THR B 172 -6.17 26.25 21.12
CA THR B 172 -6.11 24.94 21.75
C THR B 172 -6.45 23.83 20.76
N TYR B 173 -6.29 22.59 21.20
CA TYR B 173 -6.68 21.42 20.42
C TYR B 173 -7.82 20.68 21.10
N SER B 174 -8.53 19.88 20.32
CA SER B 174 -9.51 18.94 20.87
C SER B 174 -9.29 17.57 20.23
N LEU B 175 -9.61 16.52 20.98
CA LEU B 175 -9.34 15.16 20.52
C LEU B 175 -10.50 14.22 20.86
N SER B 176 -10.80 13.32 19.93
CA SER B 176 -11.79 12.27 20.15
C SER B 176 -11.16 10.90 19.97
N SER B 177 -11.37 10.02 20.94
CA SER B 177 -10.95 8.62 20.83
C SER B 177 -12.18 7.72 20.86
N THR B 178 -12.33 6.89 19.83
CA THR B 178 -13.50 6.04 19.70
C THR B 178 -13.12 4.56 19.83
N LEU B 179 -13.68 3.92 20.85
CA LEU B 179 -13.50 2.50 21.08
C LEU B 179 -14.67 1.73 20.46
N THR B 180 -14.36 0.79 19.58
CA THR B 180 -15.38 0.02 18.89
C THR B 180 -15.40 -1.44 19.36
N LEU B 181 -16.56 -1.88 19.84
CA LEU B 181 -16.75 -3.26 20.28
C LEU B 181 -18.03 -3.82 19.68
N SER B 182 -18.13 -5.14 19.64
CA SER B 182 -19.37 -5.80 19.25
C SER B 182 -20.37 -5.67 20.39
N LYS B 183 -21.65 -5.82 20.07
CA LYS B 183 -22.69 -5.77 21.09
C LYS B 183 -22.42 -6.84 22.15
N ALA B 184 -22.02 -8.02 21.70
CA ALA B 184 -21.73 -9.14 22.59
C ALA B 184 -20.58 -8.81 23.56
N ASP B 185 -19.45 -8.38 22.99
CA ASP B 185 -18.27 -8.03 23.78
C ASP B 185 -18.56 -6.91 24.75
N TYR B 186 -19.32 -5.92 24.30
CA TYR B 186 -19.67 -4.77 25.12
C TYR B 186 -20.42 -5.19 26.38
N GLU B 187 -21.34 -6.13 26.23
CA GLU B 187 -22.20 -6.57 27.32
C GLU B 187 -21.52 -7.56 28.26
N LYS B 188 -20.33 -8.01 27.89
CA LYS B 188 -19.56 -8.92 28.74
C LYS B 188 -18.98 -8.18 29.96
N HIS B 189 -18.91 -6.86 29.88
CA HIS B 189 -18.18 -6.07 30.85
C HIS B 189 -19.03 -4.95 31.44
N LYS B 190 -18.57 -4.41 32.57
CA LYS B 190 -19.31 -3.41 33.32
C LYS B 190 -18.69 -2.02 33.21
N VAL B 191 -17.45 -1.89 33.69
CA VAL B 191 -16.80 -0.59 33.81
C VAL B 191 -16.03 -0.22 32.56
N TYR B 192 -16.43 0.88 31.93
CA TYR B 192 -15.73 1.40 30.77
C TYR B 192 -15.10 2.75 31.11
N ALA B 193 -13.79 2.82 30.93
CA ALA B 193 -13.03 4.00 31.35
C ALA B 193 -11.98 4.37 30.31
N CYS B 194 -11.66 5.66 30.27
N CYS B 194 -11.68 5.66 30.25
CA CYS B 194 -10.60 6.15 29.40
CA CYS B 194 -10.61 6.18 29.40
C CYS B 194 -9.69 7.08 30.20
C CYS B 194 -9.70 7.07 30.22
N GLU B 195 -8.41 6.72 30.25
CA GLU B 195 -7.43 7.43 31.07
C GLU B 195 -6.62 8.39 30.21
N VAL B 196 -6.59 9.66 30.63
CA VAL B 196 -5.95 10.72 29.86
C VAL B 196 -4.70 11.23 30.57
N THR B 197 -3.58 11.25 29.84
CA THR B 197 -2.32 11.79 30.34
C THR B 197 -1.94 13.02 29.51
N HIS B 198 -1.69 14.13 30.20
CA HIS B 198 -1.34 15.37 29.53
C HIS B 198 -0.48 16.26 30.43
N GLN B 199 0.35 17.10 29.81
CA GLN B 199 1.27 17.96 30.54
C GLN B 199 0.57 18.85 31.56
N GLY B 200 -0.66 19.26 31.26
CA GLY B 200 -1.41 20.16 32.11
C GLY B 200 -2.05 19.48 33.31
N LEU B 201 -1.97 18.14 33.34
CA LEU B 201 -2.54 17.37 34.45
C LEU B 201 -1.42 16.89 35.37
N SER B 202 -1.61 17.10 36.68
CA SER B 202 -0.65 16.66 37.68
C SER B 202 -0.51 15.14 37.63
N SER B 203 -1.64 14.47 37.47
CA SER B 203 -1.67 13.02 37.30
C SER B 203 -2.78 12.68 36.32
N PRO B 204 -2.71 11.50 35.70
CA PRO B 204 -3.70 11.12 34.68
C PRO B 204 -5.14 11.19 35.18
N VAL B 205 -6.04 11.70 34.34
CA VAL B 205 -7.45 11.81 34.67
C VAL B 205 -8.24 10.68 34.00
N THR B 206 -9.05 10.00 34.79
CA THR B 206 -9.87 8.90 34.30
C THR B 206 -11.36 9.24 34.39
N LYS B 207 -12.04 9.12 33.25
CA LYS B 207 -13.49 9.25 33.19
C LYS B 207 -14.09 7.89 32.83
N SER B 208 -15.12 7.48 33.57
CA SER B 208 -15.68 6.15 33.39
C SER B 208 -17.18 6.09 33.65
N PHE B 209 -17.80 4.99 33.20
CA PHE B 209 -19.19 4.73 33.48
C PHE B 209 -19.41 3.22 33.64
N ASN B 210 -20.51 2.85 34.28
CA ASN B 210 -20.91 1.45 34.38
C ASN B 210 -22.04 1.16 33.39
N ARG B 211 -21.84 0.15 32.56
CA ARG B 211 -22.83 -0.24 31.57
C ARG B 211 -24.16 -0.55 32.23
N GLY B 212 -25.20 0.17 31.80
CA GLY B 212 -26.54 -0.03 32.32
C GLY B 212 -26.90 0.95 33.43
N GLU B 213 -25.94 1.77 33.85
CA GLU B 213 -26.20 2.74 34.92
C GLU B 213 -25.94 4.15 34.40
N GLU C 1 -5.58 -42.12 -4.15
CA GLU C 1 -5.26 -40.79 -3.55
C GLU C 1 -5.94 -39.69 -4.34
N VAL C 2 -6.51 -38.71 -3.64
CA VAL C 2 -7.20 -37.61 -4.29
C VAL C 2 -6.22 -36.73 -5.08
N MET C 3 -6.58 -36.45 -6.32
CA MET C 3 -5.74 -35.64 -7.20
C MET C 3 -6.56 -34.62 -7.98
N LEU C 4 -6.10 -33.36 -7.96
CA LEU C 4 -6.69 -32.28 -8.74
C LEU C 4 -5.61 -31.67 -9.62
N VAL C 5 -5.86 -31.62 -10.93
CA VAL C 5 -4.90 -31.08 -11.88
C VAL C 5 -5.52 -29.96 -12.72
N GLU C 6 -5.03 -28.74 -12.51
CA GLU C 6 -5.49 -27.59 -13.27
C GLU C 6 -4.74 -27.43 -14.59
N SER C 7 -5.42 -26.82 -15.56
CA SER C 7 -4.80 -26.46 -16.83
C SER C 7 -5.57 -25.32 -17.48
N GLY C 8 -5.10 -24.88 -18.64
CA GLY C 8 -5.76 -23.82 -19.39
C GLY C 8 -5.29 -22.43 -19.04
N GLY C 9 -4.38 -22.34 -18.09
CA GLY C 9 -3.81 -21.06 -17.71
C GLY C 9 -2.81 -20.57 -18.74
N GLY C 10 -2.27 -19.37 -18.53
CA GLY C 10 -1.25 -18.83 -19.40
C GLY C 10 -1.34 -17.32 -19.59
N LEU C 11 -0.74 -16.84 -20.66
CA LEU C 11 -0.67 -15.41 -20.95
C LEU C 11 -1.89 -14.97 -21.77
N VAL C 12 -2.45 -13.83 -21.39
CA VAL C 12 -3.61 -13.25 -22.07
C VAL C 12 -3.54 -11.74 -21.98
N ARG C 13 -4.16 -11.05 -22.93
CA ARG C 13 -4.15 -9.58 -22.91
C ARG C 13 -5.35 -9.05 -22.15
N PRO C 14 -5.25 -7.81 -21.62
CA PRO C 14 -6.38 -7.21 -20.91
C PRO C 14 -7.64 -7.18 -21.76
N GLY C 15 -8.76 -7.62 -21.19
CA GLY C 15 -10.01 -7.72 -21.92
C GLY C 15 -10.17 -9.09 -22.56
N GLY C 16 -9.09 -9.87 -22.55
CA GLY C 16 -9.10 -11.19 -23.17
C GLY C 16 -9.85 -12.22 -22.36
N SER C 17 -9.82 -13.47 -22.82
CA SER C 17 -10.54 -14.55 -22.18
C SER C 17 -9.68 -15.80 -22.00
N LEU C 18 -9.98 -16.55 -20.94
CA LEU C 18 -9.35 -17.85 -20.69
C LEU C 18 -10.38 -18.78 -20.08
N LYS C 19 -10.30 -20.07 -20.43
CA LYS C 19 -11.09 -21.09 -19.76
C LYS C 19 -10.18 -22.07 -19.06
N LEU C 20 -10.23 -22.07 -17.73
CA LEU C 20 -9.46 -23.00 -16.93
C LEU C 20 -10.25 -24.30 -16.77
N SER C 21 -9.53 -25.41 -16.64
CA SER C 21 -10.15 -26.70 -16.39
C SER C 21 -9.41 -27.41 -15.26
N CYS C 22 -10.15 -28.20 -14.50
CA CYS C 22 -9.58 -28.93 -13.37
C CYS C 22 -10.08 -30.37 -13.37
N THR C 23 -9.17 -31.28 -13.74
CA THR C 23 -9.49 -32.71 -13.80
C THR C 23 -9.38 -33.33 -12.41
N ALA C 24 -10.44 -34.01 -11.98
CA ALA C 24 -10.47 -34.61 -10.64
C ALA C 24 -10.25 -36.12 -10.71
N SER C 25 -9.45 -36.63 -9.80
CA SER C 25 -9.11 -38.05 -9.76
C SER C 25 -9.07 -38.58 -8.33
N GLY C 26 -9.31 -39.88 -8.17
CA GLY C 26 -9.18 -40.54 -6.88
C GLY C 26 -10.41 -40.45 -6.00
N PHE C 27 -11.49 -39.88 -6.52
CA PHE C 27 -12.75 -39.81 -5.78
C PHE C 27 -13.92 -39.61 -6.73
N THR C 28 -15.14 -39.80 -6.22
CA THR C 28 -16.34 -39.60 -7.02
C THR C 28 -16.65 -38.11 -7.11
N PHE C 29 -16.27 -37.54 -8.23
CA PHE C 29 -16.38 -36.10 -8.48
C PHE C 29 -17.79 -35.56 -8.29
N SER C 30 -18.77 -36.34 -8.74
CA SER C 30 -20.17 -35.91 -8.71
C SER C 30 -20.73 -35.75 -7.30
N ARG C 31 -20.02 -36.22 -6.29
CA ARG C 31 -20.50 -36.18 -4.92
C ARG C 31 -20.12 -34.87 -4.22
N CSX C 32 -19.10 -34.19 -4.73
CA CSX C 32 -18.50 -33.06 -4.05
CB CSX C 32 -16.99 -33.30 -3.90
SG CSX C 32 -16.56 -34.73 -2.98
C CSX C 32 -18.68 -31.70 -4.68
O CSX C 32 -18.69 -31.48 -5.90
OD CSX C 32 -17.33 -34.67 -1.70
HA CSX C 32 -18.94 -33.00 -3.01
HB2 CSX C 32 -16.51 -32.40 -3.44
HB3 CSX C 32 -16.56 -33.42 -4.93
HG CSX C 32 -17.17 -35.61 -3.70
N ALA C 33 -18.83 -30.71 -3.80
CA ALA C 33 -18.81 -29.31 -4.20
C ALA C 33 -17.36 -28.88 -4.43
N MET C 34 -17.16 -27.94 -5.34
CA MET C 34 -15.83 -27.50 -5.72
C MET C 34 -15.69 -25.98 -5.59
N SER C 35 -14.47 -25.52 -5.32
CA SER C 35 -14.17 -24.09 -5.25
C SER C 35 -12.98 -23.73 -6.15
N TRP C 36 -12.93 -22.47 -6.56
CA TRP C 36 -11.76 -21.90 -7.20
C TRP C 36 -11.13 -20.87 -6.28
N VAL C 37 -9.83 -20.99 -6.06
CA VAL C 37 -9.08 -20.05 -5.23
C VAL C 37 -7.85 -19.60 -6.01
N ARG C 38 -7.47 -18.34 -5.84
CA ARG C 38 -6.27 -17.83 -6.49
C ARG C 38 -5.32 -17.18 -5.48
N GLN C 39 -4.03 -17.23 -5.77
CA GLN C 39 -3.03 -16.54 -4.98
C GLN C 39 -2.34 -15.49 -5.83
N THR C 40 -2.44 -14.25 -5.41
CA THR C 40 -1.91 -13.11 -6.16
C THR C 40 -0.39 -13.08 -6.05
N PRO C 41 0.27 -12.25 -6.88
CA PRO C 41 1.72 -12.10 -6.78
C PRO C 41 2.17 -11.62 -5.40
N GLU C 42 1.26 -11.00 -4.67
CA GLU C 42 1.52 -10.56 -3.30
C GLU C 42 1.33 -11.68 -2.30
N LYS C 43 1.11 -12.89 -2.80
CA LYS C 43 0.97 -14.10 -1.97
C LYS C 43 -0.27 -14.00 -1.05
N ARG C 44 -1.29 -13.31 -1.54
CA ARG C 44 -2.57 -13.24 -0.85
C ARG C 44 -3.53 -14.28 -1.41
N LEU C 45 -4.09 -15.13 -0.53
CA LEU C 45 -5.07 -16.12 -0.95
C LEU C 45 -6.45 -15.48 -1.07
N GLU C 46 -7.12 -15.76 -2.19
CA GLU C 46 -8.40 -15.13 -2.50
C GLU C 46 -9.37 -16.12 -3.14
N TRP C 47 -10.46 -16.39 -2.44
CA TRP C 47 -11.51 -17.25 -2.98
C TRP C 47 -12.22 -16.53 -4.12
N VAL C 48 -12.51 -17.27 -5.19
CA VAL C 48 -13.02 -16.69 -6.43
C VAL C 48 -14.40 -17.20 -6.78
N SER C 49 -14.60 -18.50 -6.68
CA SER C 49 -15.85 -19.11 -7.12
C SER C 49 -16.08 -20.48 -6.50
N ALA C 50 -17.33 -20.94 -6.59
CA ALA C 50 -17.69 -22.26 -6.09
C ALA C 50 -18.93 -22.77 -6.83
N ILE C 51 -19.08 -24.09 -6.87
CA ILE C 51 -20.22 -24.71 -7.52
C ILE C 51 -20.63 -25.97 -6.76
N SER C 52 -21.94 -26.15 -6.57
CA SER C 52 -22.45 -27.31 -5.87
C SER C 52 -22.21 -28.58 -6.68
N ARG C 53 -22.41 -29.74 -6.04
CA ARG C 53 -22.12 -31.02 -6.65
C ARG C 53 -22.89 -31.24 -7.96
N ASP C 54 -24.09 -30.68 -8.04
CA ASP C 54 -24.97 -30.88 -9.19
C ASP C 54 -25.21 -29.59 -9.97
N SER C 55 -24.38 -28.58 -9.73
CA SER C 55 -24.43 -27.31 -10.43
C SER C 55 -25.71 -26.51 -10.14
N THR C 56 -26.46 -26.93 -9.13
CA THR C 56 -27.70 -26.24 -8.76
C THR C 56 -27.39 -24.81 -8.31
N TYR C 57 -26.30 -24.65 -7.57
CA TYR C 57 -25.88 -23.35 -7.08
C TYR C 57 -24.46 -23.01 -7.53
N THR C 58 -24.27 -21.75 -7.90
CA THR C 58 -22.95 -21.22 -8.22
C THR C 58 -22.69 -19.97 -7.40
N TYR C 59 -21.44 -19.75 -7.03
CA TYR C 59 -21.06 -18.64 -6.17
C TYR C 59 -19.85 -17.92 -6.73
N TYR C 60 -19.81 -16.60 -6.54
CA TYR C 60 -18.73 -15.77 -7.05
C TYR C 60 -18.36 -14.69 -6.05
N SER C 61 -17.09 -14.29 -6.05
CA SER C 61 -16.66 -13.13 -5.29
C SER C 61 -17.07 -11.88 -6.07
N ASP C 62 -17.21 -10.76 -5.37
CA ASP C 62 -17.67 -9.53 -6.00
C ASP C 62 -16.70 -9.04 -7.07
N SER C 63 -15.40 -9.27 -6.86
CA SER C 63 -14.38 -8.81 -7.78
C SER C 63 -14.45 -9.54 -9.13
N VAL C 64 -15.21 -10.63 -9.15
CA VAL C 64 -15.20 -11.56 -10.28
C VAL C 64 -16.60 -11.79 -10.84
N LYS C 65 -17.62 -11.49 -10.04
CA LYS C 65 -19.01 -11.71 -10.44
C LYS C 65 -19.35 -11.01 -11.75
N GLY C 66 -20.01 -11.73 -12.65
CA GLY C 66 -20.43 -11.18 -13.93
C GLY C 66 -19.38 -11.28 -15.03
N ARG C 67 -18.16 -11.68 -14.66
CA ARG C 67 -17.07 -11.83 -15.61
C ARG C 67 -16.65 -13.30 -15.73
N PHE C 68 -16.66 -14.00 -14.60
CA PHE C 68 -16.32 -15.42 -14.60
C PHE C 68 -17.58 -16.28 -14.56
N THR C 69 -17.49 -17.46 -15.14
CA THR C 69 -18.57 -18.43 -15.10
C THR C 69 -18.00 -19.78 -14.71
N VAL C 70 -18.43 -20.30 -13.56
CA VAL C 70 -18.02 -21.63 -13.13
C VAL C 70 -19.03 -22.65 -13.62
N SER C 71 -18.51 -23.79 -14.06
CA SER C 71 -19.34 -24.90 -14.49
C SER C 71 -18.60 -26.20 -14.26
N ARG C 72 -19.26 -27.32 -14.48
CA ARG C 72 -18.63 -28.62 -14.32
C ARG C 72 -19.28 -29.67 -15.22
N ASP C 73 -18.50 -30.70 -15.54
CA ASP C 73 -18.98 -31.85 -16.30
C ASP C 73 -18.72 -33.09 -15.47
N ASN C 74 -19.74 -33.53 -14.73
CA ASN C 74 -19.60 -34.65 -13.80
C ASN C 74 -19.19 -35.94 -14.49
N ALA C 75 -19.64 -36.13 -15.73
CA ALA C 75 -19.30 -37.32 -16.48
C ALA C 75 -17.81 -37.33 -16.80
N LYS C 76 -17.26 -36.15 -17.09
CA LYS C 76 -15.87 -36.03 -17.48
C LYS C 76 -14.95 -35.67 -16.32
N ASN C 77 -15.51 -35.69 -15.10
CA ASN C 77 -14.74 -35.44 -13.89
C ASN C 77 -13.96 -34.14 -13.95
N THR C 78 -14.56 -33.11 -14.54
CA THR C 78 -13.86 -31.86 -14.80
C THR C 78 -14.62 -30.64 -14.28
N LEU C 79 -13.87 -29.74 -13.65
CA LEU C 79 -14.38 -28.45 -13.21
C LEU C 79 -13.85 -27.38 -14.14
N TYR C 80 -14.69 -26.39 -14.45
CA TYR C 80 -14.30 -25.31 -15.37
C TYR C 80 -14.44 -23.94 -14.74
N LEU C 81 -13.63 -22.99 -15.24
CA LEU C 81 -13.80 -21.58 -14.93
C LEU C 81 -13.58 -20.75 -16.18
N GLN C 82 -14.68 -20.30 -16.79
CA GLN C 82 -14.61 -19.43 -17.95
C GLN C 82 -14.39 -17.99 -17.48
N MET C 83 -13.23 -17.42 -17.82
CA MET C 83 -12.89 -16.07 -17.41
C MET C 83 -12.98 -15.11 -18.59
N SER C 84 -13.76 -14.05 -18.44
CA SER C 84 -13.94 -13.04 -19.47
C SER C 84 -13.57 -11.67 -18.94
N SER C 85 -13.34 -10.73 -19.86
CA SER C 85 -12.99 -9.35 -19.51
C SER C 85 -11.89 -9.31 -18.46
N LEU C 86 -10.81 -10.05 -18.72
CA LEU C 86 -9.74 -10.20 -17.74
C LEU C 86 -8.99 -8.89 -17.52
N ARG C 87 -8.65 -8.64 -16.26
CA ARG C 87 -7.94 -7.43 -15.86
C ARG C 87 -6.54 -7.79 -15.39
N SER C 88 -5.66 -6.81 -15.31
CA SER C 88 -4.31 -7.04 -14.83
C SER C 88 -4.33 -7.56 -13.39
N GLU C 89 -5.39 -7.24 -12.66
CA GLU C 89 -5.53 -7.65 -11.27
C GLU C 89 -5.92 -9.13 -11.15
N ASP C 90 -6.29 -9.74 -12.27
CA ASP C 90 -6.64 -11.16 -12.28
C ASP C 90 -5.41 -12.04 -12.40
N THR C 91 -4.24 -11.41 -12.57
CA THR C 91 -2.98 -12.15 -12.62
C THR C 91 -2.76 -12.87 -11.30
N ALA C 92 -2.69 -14.19 -11.36
CA ALA C 92 -2.53 -15.00 -10.15
C ALA C 92 -2.33 -16.46 -10.50
N MET C 93 -1.95 -17.24 -9.49
CA MET C 93 -1.97 -18.69 -9.58
C MET C 93 -3.36 -19.14 -9.19
N TYR C 94 -4.03 -19.88 -10.08
CA TYR C 94 -5.39 -20.32 -9.84
C TYR C 94 -5.45 -21.79 -9.42
N TYR C 95 -6.03 -22.04 -8.24
CA TYR C 95 -6.22 -23.40 -7.75
C TYR C 95 -7.68 -23.80 -7.76
N CYS C 96 -7.93 -25.09 -7.99
N CYS C 96 -7.93 -25.09 -7.97
CA CYS C 96 -9.24 -25.65 -7.75
CA CYS C 96 -9.25 -25.68 -7.79
C CYS C 96 -9.14 -26.44 -6.46
C CYS C 96 -9.18 -26.56 -6.55
N ALA C 97 -10.25 -26.59 -5.76
CA ALA C 97 -10.23 -27.24 -4.46
C ALA C 97 -11.56 -27.91 -4.13
N ARG C 98 -11.45 -29.11 -3.57
CA ARG C 98 -12.61 -29.89 -3.16
C ARG C 98 -13.08 -29.45 -1.79
N GLN C 99 -14.39 -29.32 -1.62
CA GLN C 99 -14.96 -28.94 -0.34
C GLN C 99 -15.35 -30.16 0.48
N ILE C 100 -15.22 -30.05 1.80
CA ILE C 100 -15.73 -31.06 2.71
C ILE C 100 -17.25 -31.01 2.61
N ASP C 101 -17.91 -32.14 2.90
CA ASP C 101 -19.33 -32.30 2.62
C ASP C 101 -20.24 -32.22 3.84
N ASP C 102 -19.83 -31.44 4.85
CA ASP C 102 -20.67 -31.26 6.04
C ASP C 102 -21.75 -30.18 5.80
N TYR C 103 -21.38 -29.15 5.05
CA TYR C 103 -22.27 -28.02 4.78
C TYR C 103 -22.04 -27.54 3.34
N TYR C 104 -23.01 -26.86 2.76
CA TYR C 104 -22.91 -26.47 1.35
C TYR C 104 -21.72 -25.54 1.12
N VAL C 105 -21.38 -24.75 2.14
CA VAL C 105 -20.11 -24.02 2.17
C VAL C 105 -19.24 -24.67 3.24
N ASP C 106 -18.01 -25.02 2.88
CA ASP C 106 -17.17 -25.79 3.78
C ASP C 106 -15.68 -25.59 3.53
N ALA C 107 -14.86 -26.16 4.40
CA ALA C 107 -13.41 -26.10 4.26
C ALA C 107 -12.96 -26.87 3.03
N LEU C 108 -11.73 -26.60 2.60
CA LEU C 108 -11.19 -27.19 1.37
C LEU C 108 -10.16 -28.26 1.70
N ASP C 109 -10.55 -29.53 1.57
CA ASP C 109 -9.71 -30.62 2.05
C ASP C 109 -8.62 -31.04 1.05
N TYR C 110 -8.81 -30.71 -0.23
CA TYR C 110 -7.80 -31.01 -1.24
C TYR C 110 -7.65 -29.90 -2.26
N TRP C 111 -6.40 -29.63 -2.63
CA TRP C 111 -6.05 -28.57 -3.56
C TRP C 111 -5.21 -29.12 -4.72
N GLY C 112 -5.32 -28.49 -5.88
CA GLY C 112 -4.44 -28.80 -7.00
C GLY C 112 -3.17 -27.98 -6.92
N GLN C 113 -2.17 -28.35 -7.72
CA GLN C 113 -0.90 -27.63 -7.72
C GLN C 113 -1.05 -26.22 -8.29
N GLY C 114 -2.08 -26.02 -9.11
CA GLY C 114 -2.41 -24.70 -9.62
C GLY C 114 -1.98 -24.47 -11.05
N THR C 115 -2.64 -23.51 -11.70
CA THR C 115 -2.25 -23.07 -13.04
C THR C 115 -2.08 -21.55 -13.05
N SER C 116 -0.99 -21.09 -13.64
CA SER C 116 -0.64 -19.67 -13.63
C SER C 116 -1.37 -18.89 -14.72
N VAL C 117 -1.85 -17.71 -14.35
CA VAL C 117 -2.50 -16.80 -15.29
C VAL C 117 -1.85 -15.43 -15.23
N THR C 118 -1.43 -14.94 -16.39
CA THR C 118 -0.81 -13.63 -16.52
C THR C 118 -1.60 -12.75 -17.49
N VAL C 119 -2.12 -11.64 -16.98
CA VAL C 119 -2.84 -10.68 -17.81
C VAL C 119 -1.97 -9.45 -18.07
N SER C 120 -1.53 -9.28 -19.31
CA SER C 120 -0.62 -8.20 -19.66
C SER C 120 -0.65 -7.87 -21.14
N SER C 121 -0.30 -6.63 -21.47
CA SER C 121 -0.23 -6.17 -22.85
C SER C 121 1.12 -6.51 -23.49
N ALA C 122 2.09 -6.86 -22.66
CA ALA C 122 3.43 -7.17 -23.13
C ALA C 122 3.43 -8.40 -24.05
N SER C 123 4.32 -8.38 -25.03
CA SER C 123 4.48 -9.50 -25.94
C SER C 123 5.55 -10.46 -25.40
N THR C 124 5.39 -11.74 -25.74
CA THR C 124 6.37 -12.75 -25.33
C THR C 124 7.76 -12.37 -25.82
N LYS C 125 8.73 -12.44 -24.93
CA LYS C 125 10.10 -12.01 -25.25
C LYS C 125 11.12 -12.81 -24.47
N GLY C 126 12.12 -13.34 -25.19
CA GLY C 126 13.19 -14.08 -24.56
C GLY C 126 14.18 -13.17 -23.84
N PRO C 127 14.90 -13.72 -22.85
CA PRO C 127 15.80 -12.91 -22.02
C PRO C 127 17.11 -12.56 -22.71
N SER C 128 17.71 -11.46 -22.26
CA SER C 128 19.10 -11.13 -22.56
C SER C 128 19.93 -11.55 -21.35
N VAL C 129 21.02 -12.27 -21.59
CA VAL C 129 21.84 -12.78 -20.49
C VAL C 129 23.19 -12.07 -20.47
N PHE C 130 23.54 -11.54 -19.30
CA PHE C 130 24.80 -10.82 -19.12
C PHE C 130 25.57 -11.44 -17.96
N PRO C 131 26.91 -11.45 -18.05
CA PRO C 131 27.70 -12.06 -16.97
C PRO C 131 27.86 -11.15 -15.76
N LEU C 132 27.96 -11.77 -14.59
CA LEU C 132 28.36 -11.07 -13.37
C LEU C 132 29.76 -11.57 -13.05
N ALA C 133 30.75 -10.90 -13.63
CA ALA C 133 32.12 -11.40 -13.64
C ALA C 133 32.73 -11.44 -12.23
N PRO C 134 33.51 -12.51 -11.95
CA PRO C 134 34.17 -12.59 -10.64
C PRO C 134 35.18 -11.46 -10.46
N SER C 135 35.22 -10.89 -9.26
CA SER C 135 36.08 -9.74 -8.99
C SER C 135 37.56 -10.11 -9.10
N SER C 136 38.36 -9.17 -9.58
CA SER C 136 39.81 -9.34 -9.62
C SER C 136 40.37 -9.21 -8.22
N LYS C 137 39.64 -8.52 -7.36
CA LYS C 137 40.02 -8.33 -5.97
C LYS C 137 39.53 -9.49 -5.10
N SER C 138 39.51 -10.69 -5.67
CA SER C 138 39.08 -11.88 -4.94
C SER C 138 40.14 -12.30 -3.94
N THR C 139 39.70 -12.85 -2.81
CA THR C 139 40.60 -13.29 -1.76
C THR C 139 41.47 -14.45 -2.24
N SER C 140 42.78 -14.25 -2.24
CA SER C 140 43.72 -15.28 -2.66
C SER C 140 43.57 -16.53 -1.79
N GLY C 141 43.12 -17.62 -2.41
CA GLY C 141 42.90 -18.86 -1.69
C GLY C 141 41.64 -18.82 -0.86
N GLY C 142 40.62 -18.12 -1.39
CA GLY C 142 39.34 -18.01 -0.72
C GLY C 142 38.21 -18.39 -1.68
N THR C 143 37.07 -17.72 -1.53
CA THR C 143 35.91 -17.98 -2.39
C THR C 143 35.48 -16.71 -3.10
N ALA C 144 35.20 -16.83 -4.40
CA ALA C 144 34.73 -15.73 -5.21
C ALA C 144 33.30 -15.97 -5.62
N ALA C 145 32.59 -14.89 -5.94
CA ALA C 145 31.21 -14.98 -6.40
C ALA C 145 31.13 -14.56 -7.87
N LEU C 146 30.31 -15.27 -8.62
CA LEU C 146 30.04 -14.93 -10.01
C LEU C 146 28.61 -15.35 -10.31
N GLY C 147 28.08 -14.89 -11.44
CA GLY C 147 26.73 -15.24 -11.81
C GLY C 147 26.35 -14.75 -13.19
N CYS C 148 25.05 -14.66 -13.43
N CYS C 148 25.07 -14.72 -13.49
CA CYS C 148 24.50 -14.22 -14.70
CA CYS C 148 24.62 -14.07 -14.72
C CYS C 148 23.29 -13.33 -14.42
C CYS C 148 23.26 -13.42 -14.54
N LEU C 149 23.07 -12.33 -15.27
CA LEU C 149 21.92 -11.45 -15.14
C LEU C 149 20.97 -11.75 -16.28
N VAL C 150 19.78 -12.24 -15.94
CA VAL C 150 18.79 -12.65 -16.91
C VAL C 150 17.74 -11.54 -17.03
N LYS C 151 17.87 -10.71 -18.07
CA LYS C 151 17.14 -9.46 -18.14
C LYS C 151 16.10 -9.39 -19.25
N ASP C 152 14.99 -8.69 -18.97
CA ASP C 152 14.00 -8.31 -19.97
C ASP C 152 13.40 -9.49 -20.71
N TYR C 153 12.71 -10.37 -19.98
CA TYR C 153 11.95 -11.46 -20.60
C TYR C 153 10.50 -11.40 -20.17
N PHE C 154 9.65 -12.03 -20.96
CA PHE C 154 8.23 -12.10 -20.64
C PHE C 154 7.58 -13.25 -21.41
N PRO C 155 6.70 -14.02 -20.75
CA PRO C 155 6.32 -13.97 -19.34
C PRO C 155 7.22 -14.84 -18.49
N GLU C 156 6.95 -14.99 -17.19
CA GLU C 156 7.60 -15.95 -16.30
C GLU C 156 7.25 -17.38 -16.76
N PRO C 157 8.03 -18.46 -16.56
CA PRO C 157 9.27 -18.56 -15.80
C PRO C 157 10.47 -18.78 -16.69
N VAL C 158 11.66 -18.60 -16.14
CA VAL C 158 12.94 -18.97 -16.79
C VAL C 158 13.58 -19.99 -15.87
N THR C 159 14.32 -20.92 -16.43
CA THR C 159 15.06 -21.89 -15.63
C THR C 159 16.53 -21.57 -15.82
N VAL C 160 17.32 -21.56 -14.77
CA VAL C 160 18.75 -21.36 -14.84
C VAL C 160 19.49 -22.54 -14.23
N SER C 161 20.49 -23.04 -14.94
CA SER C 161 21.38 -24.08 -14.44
C SER C 161 22.82 -23.64 -14.66
N TRP C 162 23.76 -24.36 -14.04
CA TRP C 162 25.18 -24.04 -14.16
C TRP C 162 26.01 -25.25 -14.58
N ASN C 163 26.90 -25.03 -15.55
CA ASN C 163 27.74 -26.09 -16.10
C ASN C 163 26.92 -27.34 -16.43
N SER C 164 25.75 -27.13 -17.01
CA SER C 164 24.86 -28.20 -17.42
C SER C 164 24.47 -29.11 -16.26
N GLY C 165 24.21 -28.51 -15.10
CA GLY C 165 23.69 -29.23 -13.95
C GLY C 165 24.77 -29.79 -13.03
N ALA C 166 26.02 -29.74 -13.47
CA ALA C 166 27.13 -30.29 -12.69
C ALA C 166 27.44 -29.42 -11.48
N LEU C 167 27.05 -28.15 -11.55
CA LEU C 167 27.27 -27.19 -10.47
C LEU C 167 25.93 -26.77 -9.84
N THR C 168 25.68 -27.25 -8.63
CA THR C 168 24.44 -26.98 -7.92
C THR C 168 24.68 -26.40 -6.53
N SER C 169 25.81 -26.79 -5.93
CA SER C 169 26.14 -26.33 -4.59
C SER C 169 26.55 -24.86 -4.61
N GLY C 170 25.95 -24.07 -3.72
CA GLY C 170 26.27 -22.66 -3.60
C GLY C 170 25.53 -21.78 -4.59
N VAL C 171 24.67 -22.37 -5.41
CA VAL C 171 23.91 -21.61 -6.39
C VAL C 171 22.69 -20.96 -5.75
N HIS C 172 22.46 -19.69 -6.11
CA HIS C 172 21.25 -18.98 -5.70
C HIS C 172 20.63 -18.28 -6.89
N THR C 173 19.45 -18.77 -7.30
CA THR C 173 18.68 -18.11 -8.34
C THR C 173 17.54 -17.37 -7.69
N PHE C 174 17.60 -16.04 -7.76
CA PHE C 174 16.66 -15.20 -7.04
C PHE C 174 15.31 -15.17 -7.72
N PRO C 175 14.24 -14.90 -6.96
CA PRO C 175 12.92 -14.69 -7.58
C PRO C 175 12.96 -13.51 -8.54
N ALA C 176 12.22 -13.60 -9.63
CA ALA C 176 12.19 -12.53 -10.61
C ALA C 176 11.44 -11.31 -10.07
N VAL C 177 11.85 -10.14 -10.53
CA VAL C 177 11.13 -8.90 -10.23
C VAL C 177 10.54 -8.33 -11.51
N LEU C 178 9.34 -7.79 -11.40
CA LEU C 178 8.68 -7.15 -12.54
C LEU C 178 9.11 -5.69 -12.61
N GLN C 179 9.81 -5.35 -13.70
CA GLN C 179 10.31 -3.99 -13.91
C GLN C 179 9.19 -3.08 -14.38
N SER C 180 9.43 -1.78 -14.30
CA SER C 180 8.45 -0.78 -14.75
C SER C 180 8.17 -0.92 -16.24
N SER C 181 9.11 -1.53 -16.96
CA SER C 181 8.94 -1.77 -18.39
C SER C 181 7.90 -2.86 -18.66
N GLY C 182 7.51 -3.57 -17.61
CA GLY C 182 6.56 -4.67 -17.75
C GLY C 182 7.26 -5.98 -18.08
N LEU C 183 8.59 -5.97 -18.03
CA LEU C 183 9.39 -7.17 -18.30
C LEU C 183 10.03 -7.66 -17.01
N TYR C 184 10.29 -8.97 -16.95
CA TYR C 184 10.88 -9.57 -15.77
C TYR C 184 12.40 -9.57 -15.82
N SER C 185 13.03 -9.67 -14.65
CA SER C 185 14.48 -9.74 -14.53
C SER C 185 14.89 -10.48 -13.26
N LEU C 186 15.94 -11.28 -13.36
CA LEU C 186 16.52 -11.95 -12.19
C LEU C 186 18.01 -12.19 -12.38
N SER C 187 18.67 -12.57 -11.28
CA SER C 187 20.08 -12.95 -11.33
C SER C 187 20.27 -14.33 -10.73
N SER C 188 21.25 -15.07 -11.25
CA SER C 188 21.66 -16.34 -10.68
C SER C 188 23.13 -16.25 -10.33
N VAL C 189 23.46 -16.48 -9.06
CA VAL C 189 24.83 -16.39 -8.59
C VAL C 189 25.32 -17.71 -8.00
N VAL C 190 26.64 -17.85 -7.92
CA VAL C 190 27.25 -19.02 -7.29
C VAL C 190 28.61 -18.64 -6.73
N THR C 191 28.91 -19.16 -5.55
CA THR C 191 30.22 -18.96 -4.93
C THR C 191 31.13 -20.14 -5.23
N VAL C 192 32.32 -19.84 -5.77
CA VAL C 192 33.29 -20.87 -6.13
C VAL C 192 34.65 -20.51 -5.53
N PRO C 193 35.57 -21.48 -5.49
CA PRO C 193 36.92 -21.17 -4.98
C PRO C 193 37.65 -20.20 -5.89
N SER C 194 38.39 -19.26 -5.32
CA SER C 194 39.15 -18.30 -6.09
C SER C 194 40.18 -19.00 -6.98
N SER C 195 40.74 -20.09 -6.47
CA SER C 195 41.75 -20.85 -7.19
C SER C 195 41.23 -21.42 -8.50
N SER C 196 39.92 -21.67 -8.57
CA SER C 196 39.31 -22.30 -9.73
C SER C 196 39.15 -21.31 -10.89
N LEU C 197 39.18 -20.02 -10.57
CA LEU C 197 39.05 -18.98 -11.59
C LEU C 197 40.22 -19.04 -12.56
N GLY C 198 39.92 -19.01 -13.85
CA GLY C 198 40.94 -19.09 -14.89
C GLY C 198 41.17 -20.52 -15.34
N THR C 199 41.01 -21.46 -14.43
CA THR C 199 41.16 -22.88 -14.74
C THR C 199 39.82 -23.49 -15.14
N GLN C 200 38.83 -23.36 -14.26
CA GLN C 200 37.51 -23.94 -14.49
C GLN C 200 36.61 -22.98 -15.26
N THR C 201 35.98 -23.50 -16.31
CA THR C 201 35.01 -22.73 -17.07
C THR C 201 33.65 -22.76 -16.36
N TYR C 202 33.00 -21.60 -16.31
CA TYR C 202 31.67 -21.48 -15.71
C TYR C 202 30.65 -20.94 -16.71
N ILE C 203 29.64 -21.75 -17.00
CA ILE C 203 28.60 -21.42 -17.97
C ILE C 203 27.22 -21.50 -17.33
N CYS C 204 26.43 -20.44 -17.47
CA CYS C 204 25.04 -20.48 -17.01
C CYS C 204 24.13 -20.73 -18.20
N ASN C 205 23.23 -21.69 -18.04
CA ASN C 205 22.29 -22.08 -19.09
C ASN C 205 20.89 -21.56 -18.75
N VAL C 206 20.40 -20.65 -19.59
CA VAL C 206 19.11 -19.99 -19.34
C VAL C 206 18.07 -20.46 -20.35
N ASN C 207 16.99 -21.04 -19.86
CA ASN C 207 15.90 -21.51 -20.71
C ASN C 207 14.62 -20.71 -20.50
N HIS C 208 14.01 -20.29 -21.60
CA HIS C 208 12.74 -19.58 -21.57
C HIS C 208 11.76 -20.25 -22.53
N LYS C 209 10.97 -21.17 -22.00
CA LYS C 209 10.09 -22.01 -22.82
C LYS C 209 9.07 -21.21 -23.65
N PRO C 210 8.48 -20.15 -23.06
CA PRO C 210 7.49 -19.36 -23.81
C PRO C 210 7.99 -18.85 -25.16
N SER C 211 9.26 -18.47 -25.23
CA SER C 211 9.86 -17.98 -26.47
C SER C 211 10.71 -19.04 -27.17
N ASN C 212 10.79 -20.23 -26.58
CA ASN C 212 11.60 -21.33 -27.11
C ASN C 212 13.06 -20.90 -27.25
N THR C 213 13.54 -20.13 -26.28
CA THR C 213 14.88 -19.55 -26.31
C THR C 213 15.78 -20.26 -25.32
N LYS C 214 17.03 -20.49 -25.73
CA LYS C 214 18.04 -21.06 -24.86
C LYS C 214 19.34 -20.27 -25.02
N VAL C 215 19.90 -19.83 -23.89
CA VAL C 215 21.13 -19.05 -23.91
C VAL C 215 22.18 -19.66 -22.98
N ASP C 216 23.39 -19.84 -23.50
CA ASP C 216 24.55 -20.21 -22.70
C ASP C 216 25.48 -19.02 -22.61
N LYS C 217 25.96 -18.74 -21.41
CA LYS C 217 26.84 -17.59 -21.19
C LYS C 217 28.01 -17.96 -20.30
N LYS C 218 29.22 -17.91 -20.86
CA LYS C 218 30.44 -18.16 -20.11
C LYS C 218 30.76 -16.96 -19.23
N VAL C 219 31.01 -17.23 -17.95
CA VAL C 219 31.32 -16.17 -16.98
C VAL C 219 32.77 -16.28 -16.54
N GLU C 220 33.57 -15.27 -16.89
CA GLU C 220 35.01 -15.26 -16.60
C GLU C 220 35.45 -13.91 -16.07
N PRO C 221 36.66 -13.86 -15.49
CA PRO C 221 37.18 -12.56 -15.02
C PRO C 221 37.36 -11.60 -16.19
N LYS C 222 37.27 -10.30 -15.94
CA LYS C 222 37.46 -9.31 -17.00
C LYS C 222 38.95 -8.99 -17.08
N SER C 223 39.44 -8.71 -18.29
CA SER C 223 40.86 -8.43 -18.50
C SER C 223 41.19 -6.99 -18.15
N SER D 23 -30.05 -13.40 16.57
CA SER D 23 -31.27 -13.66 17.33
C SER D 23 -32.46 -12.94 16.69
N ILE D 24 -32.20 -11.79 16.09
CA ILE D 24 -33.23 -11.03 15.41
C ILE D 24 -33.82 -11.88 14.29
N PHE D 25 -32.92 -12.52 13.54
CA PHE D 25 -33.30 -13.34 12.41
C PHE D 25 -34.11 -14.58 12.82
N ILE D 26 -33.79 -15.16 13.98
CA ILE D 26 -34.55 -16.31 14.47
C ILE D 26 -35.95 -15.93 14.97
N GLU D 27 -36.03 -14.86 15.75
CA GLU D 27 -37.33 -14.39 16.23
C GLU D 27 -38.23 -14.15 15.03
N ASP D 28 -37.67 -13.50 14.01
CA ASP D 28 -38.37 -13.29 12.76
C ASP D 28 -38.74 -14.62 12.10
N ALA D 29 -37.78 -15.55 12.09
CA ALA D 29 -37.98 -16.84 11.44
C ALA D 29 -39.01 -17.70 12.17
N ILE D 30 -39.00 -17.61 13.50
CA ILE D 30 -39.91 -18.40 14.33
C ILE D 30 -41.37 -18.06 14.03
N LYS D 31 -41.65 -16.77 13.85
CA LYS D 31 -43.00 -16.33 13.51
C LYS D 31 -43.44 -16.92 12.18
N TYR D 32 -42.53 -16.90 11.21
CA TYR D 32 -42.81 -17.42 9.88
C TYR D 32 -43.17 -18.90 9.91
N PHE D 33 -42.45 -19.65 10.74
CA PHE D 33 -42.66 -21.10 10.85
C PHE D 33 -43.82 -21.45 11.76
N LYS D 34 -44.35 -20.47 12.48
CA LYS D 34 -45.45 -20.70 13.41
C LYS D 34 -46.80 -20.64 12.72
N GLU D 35 -46.99 -19.64 11.87
CA GLU D 35 -48.28 -19.42 11.20
C GLU D 35 -48.28 -19.94 9.77
N LYS D 36 -47.49 -19.33 8.90
CA LYS D 36 -47.48 -19.67 7.48
C LYS D 36 -47.11 -21.12 7.25
N VAL D 37 -46.15 -21.62 8.02
CA VAL D 37 -45.72 -23.01 7.92
C VAL D 37 -46.49 -23.88 8.92
N SER D 38 -47.03 -24.99 8.44
CA SER D 38 -47.81 -25.90 9.28
C SER D 38 -46.90 -26.87 10.04
N THR D 39 -47.38 -27.33 11.19
CA THR D 39 -46.63 -28.28 12.01
C THR D 39 -46.19 -29.50 11.21
N GLN D 40 -47.00 -29.86 10.22
CA GLN D 40 -46.70 -31.01 9.37
C GLN D 40 -45.50 -30.72 8.47
N ASN D 41 -45.50 -29.53 7.87
CA ASN D 41 -44.41 -29.11 6.99
C ASN D 41 -43.08 -29.00 7.72
N LEU D 42 -43.10 -28.43 8.92
CA LEU D 42 -41.90 -28.22 9.71
C LEU D 42 -41.23 -29.54 10.05
N LEU D 43 -42.03 -30.58 10.28
CA LEU D 43 -41.51 -31.89 10.66
C LEU D 43 -40.77 -32.55 9.50
N LEU D 44 -41.31 -32.41 8.29
CA LEU D 44 -40.68 -32.98 7.11
C LEU D 44 -39.32 -32.32 6.85
N LEU D 45 -39.24 -31.03 7.12
CA LEU D 45 -38.02 -30.27 6.95
C LEU D 45 -36.97 -30.69 7.96
N LEU D 46 -37.35 -30.69 9.23
CA LEU D 46 -36.44 -30.96 10.33
C LEU D 46 -35.94 -32.39 10.34
N THR D 47 -36.78 -33.32 9.88
CA THR D 47 -36.44 -34.72 9.94
C THR D 47 -35.43 -35.13 8.88
N ASP D 48 -35.73 -34.84 7.62
CA ASP D 48 -34.88 -35.27 6.51
C ASP D 48 -33.68 -34.34 6.41
N ASN D 49 -32.49 -34.91 6.51
CA ASN D 49 -31.24 -34.17 6.39
C ASN D 49 -31.10 -33.58 4.99
N GLU D 50 -31.57 -34.32 4.00
CA GLU D 50 -31.48 -33.89 2.60
C GLU D 50 -32.31 -32.64 2.36
N ALA D 51 -33.48 -32.58 2.97
CA ALA D 51 -34.38 -31.45 2.79
C ALA D 51 -33.87 -30.22 3.55
N TRP D 52 -33.25 -30.46 4.71
CA TRP D 52 -32.70 -29.37 5.51
C TRP D 52 -31.55 -28.70 4.77
N ASN D 53 -30.69 -29.51 4.16
CA ASN D 53 -29.55 -28.99 3.39
C ASN D 53 -30.01 -28.11 2.23
N GLY D 54 -31.05 -28.54 1.54
CA GLY D 54 -31.59 -27.78 0.42
C GLY D 54 -32.19 -26.47 0.87
N PHE D 55 -32.78 -26.49 2.07
CA PHE D 55 -33.43 -25.32 2.63
C PHE D 55 -32.42 -24.26 3.06
N VAL D 56 -31.37 -24.68 3.77
CA VAL D 56 -30.36 -23.74 4.25
C VAL D 56 -29.51 -23.21 3.10
N ALA D 57 -29.41 -24.01 2.03
CA ALA D 57 -28.67 -23.59 0.85
C ALA D 57 -29.47 -22.56 0.06
N ALA D 58 -30.78 -22.80 -0.06
CA ALA D 58 -31.67 -21.88 -0.76
C ALA D 58 -31.78 -20.55 -0.03
N ALA D 59 -31.71 -20.60 1.29
CA ALA D 59 -31.82 -19.40 2.12
C ALA D 59 -30.48 -18.67 2.25
N GLU D 60 -29.41 -19.29 1.74
CA GLU D 60 -28.07 -18.70 1.79
C GLU D 60 -27.64 -18.40 3.22
N LEU D 61 -27.97 -19.29 4.15
CA LEU D 61 -27.67 -19.07 5.56
C LEU D 61 -26.21 -19.38 5.89
N PRO D 62 -25.57 -18.54 6.70
CA PRO D 62 -24.28 -18.95 7.27
C PRO D 62 -24.46 -20.18 8.17
N ARG D 63 -23.44 -21.02 8.27
CA ARG D 63 -23.57 -22.28 8.98
C ARG D 63 -23.98 -22.12 10.44
N ASN D 64 -23.45 -21.09 11.10
CA ASN D 64 -23.79 -20.86 12.51
C ASN D 64 -25.27 -20.53 12.67
N GLU D 65 -25.83 -19.78 11.71
CA GLU D 65 -27.25 -19.44 11.74
C GLU D 65 -28.10 -20.65 11.44
N ALA D 66 -27.60 -21.53 10.57
CA ALA D 66 -28.28 -22.78 10.26
C ALA D 66 -28.36 -23.65 11.50
N ASP D 67 -27.27 -23.71 12.25
CA ASP D 67 -27.22 -24.49 13.48
C ASP D 67 -28.20 -23.94 14.51
N GLU D 68 -28.16 -22.61 14.68
CA GLU D 68 -29.03 -21.94 15.64
C GLU D 68 -30.50 -22.11 15.27
N LEU D 69 -30.79 -21.98 13.98
CA LEU D 69 -32.17 -22.08 13.50
C LEU D 69 -32.73 -23.49 13.67
N ARG D 70 -31.90 -24.50 13.40
CA ARG D 70 -32.35 -25.88 13.55
C ARG D 70 -32.71 -26.17 14.99
N LYS D 71 -31.83 -25.72 15.88
CA LYS D 71 -32.01 -25.94 17.31
C LYS D 71 -33.29 -25.22 17.77
N ALA D 72 -33.48 -23.99 17.30
CA ALA D 72 -34.68 -23.21 17.61
C ALA D 72 -35.93 -23.89 17.07
N LEU D 73 -35.79 -24.51 15.90
CA LEU D 73 -36.91 -25.17 15.25
C LEU D 73 -37.20 -26.53 15.89
N ASP D 74 -36.17 -27.15 16.46
CA ASP D 74 -36.34 -28.40 17.19
C ASP D 74 -37.26 -28.21 18.38
N ASN D 75 -37.07 -27.12 19.11
CA ASN D 75 -37.93 -26.78 20.24
C ASN D 75 -39.33 -26.44 19.77
N LEU D 76 -39.42 -25.69 18.69
CA LEU D 76 -40.71 -25.30 18.13
C LEU D 76 -41.50 -26.56 17.78
N ALA D 77 -40.81 -27.55 17.23
CA ALA D 77 -41.45 -28.80 16.85
C ALA D 77 -41.97 -29.57 18.06
N ARG D 78 -41.14 -29.76 19.08
CA ARG D 78 -41.59 -30.45 20.29
C ARG D 78 -42.69 -29.71 21.03
N GLN D 79 -42.63 -28.38 21.04
CA GLN D 79 -43.66 -27.59 21.72
C GLN D 79 -45.03 -27.82 21.10
N MET D 80 -45.05 -28.06 19.79
CA MET D 80 -46.29 -28.35 19.09
C MET D 80 -46.69 -29.81 19.30
N ILE D 81 -45.69 -30.68 19.45
CA ILE D 81 -45.93 -32.10 19.68
C ILE D 81 -46.40 -32.34 21.12
N MET D 82 -45.94 -31.50 22.03
CA MET D 82 -46.39 -31.56 23.42
C MET D 82 -47.87 -31.20 23.51
N LYS D 83 -48.29 -30.28 22.65
CA LYS D 83 -49.68 -29.85 22.60
C LYS D 83 -50.57 -30.99 22.12
N ASP D 84 -50.05 -31.77 21.18
CA ASP D 84 -50.79 -32.90 20.61
C ASP D 84 -50.78 -34.14 21.50
N LYS D 85 -49.66 -34.38 22.16
CA LYS D 85 -49.54 -35.53 23.06
C LYS D 85 -50.45 -35.33 24.26
N ASN D 86 -50.61 -34.08 24.68
CA ASN D 86 -51.53 -33.76 25.76
C ASN D 86 -52.98 -33.83 25.27
N TRP D 87 -53.18 -33.68 23.97
CA TRP D 87 -54.50 -33.79 23.37
C TRP D 87 -54.93 -35.25 23.33
N HIS D 88 -53.98 -36.13 23.08
CA HIS D 88 -54.24 -37.57 23.06
C HIS D 88 -54.47 -38.10 24.46
N ASP D 89 -53.71 -37.58 25.43
CA ASP D 89 -53.80 -38.05 26.81
C ASP D 89 -55.05 -37.52 27.50
N LYS D 90 -55.35 -36.23 27.30
CA LYS D 90 -56.52 -35.64 27.92
C LYS D 90 -57.78 -36.29 27.37
N GLY D 91 -57.78 -36.57 26.08
CA GLY D 91 -58.93 -37.18 25.42
C GLY D 91 -59.10 -38.63 25.86
N GLN D 92 -57.99 -39.25 26.23
CA GLN D 92 -58.01 -40.62 26.71
C GLN D 92 -58.53 -40.68 28.14
N GLN D 93 -58.10 -39.72 28.97
CA GLN D 93 -58.57 -39.66 30.35
C GLN D 93 -60.02 -39.19 30.44
N TYR D 94 -60.44 -38.33 29.51
CA TYR D 94 -61.82 -37.86 29.49
C TYR D 94 -62.79 -39.01 29.26
N ARG D 95 -62.39 -39.97 28.43
CA ARG D 95 -63.24 -41.12 28.13
C ARG D 95 -63.26 -42.15 29.26
N ASN D 96 -62.09 -42.52 29.78
CA ASN D 96 -62.02 -43.55 30.82
C ASN D 96 -62.83 -43.15 32.06
N TRP D 97 -62.98 -41.84 32.27
CA TRP D 97 -63.76 -41.35 33.38
C TRP D 97 -65.24 -41.67 33.16
N PHE D 98 -65.67 -41.58 31.91
CA PHE D 98 -67.05 -41.87 31.56
C PHE D 98 -67.33 -43.37 31.56
N LEU D 99 -66.28 -44.19 31.51
CA LEU D 99 -66.45 -45.64 31.55
C LEU D 99 -66.72 -46.12 32.98
N ASP E 1 -18.47 -9.15 4.11
CA ASP E 1 -17.46 -10.24 4.16
C ASP E 1 -16.84 -10.35 5.54
N VAL E 2 -16.52 -11.58 5.95
CA VAL E 2 -15.85 -11.82 7.21
C VAL E 2 -14.35 -11.55 7.05
N GLN E 3 -13.86 -10.54 7.75
CA GLN E 3 -12.44 -10.21 7.74
C GLN E 3 -11.72 -10.99 8.82
N ILE E 4 -10.57 -11.55 8.46
CA ILE E 4 -9.79 -12.41 9.35
C ILE E 4 -8.41 -11.85 9.63
N THR E 5 -8.12 -11.66 10.91
CA THR E 5 -6.83 -11.13 11.35
C THR E 5 -5.95 -12.24 11.91
N GLN E 6 -4.94 -12.64 11.13
CA GLN E 6 -4.00 -13.68 11.54
C GLN E 6 -2.75 -13.05 12.11
N SER E 7 -2.30 -13.56 13.26
CA SER E 7 -1.08 -13.05 13.89
C SER E 7 -0.38 -14.14 14.69
N PRO E 8 0.96 -14.08 14.78
CA PRO E 8 1.82 -13.08 14.17
C PRO E 8 2.09 -13.37 12.70
N SER E 9 2.65 -12.39 11.99
CA SER E 9 2.99 -12.57 10.58
C SER E 9 4.21 -13.47 10.41
N TYR E 10 5.13 -13.40 11.37
CA TYR E 10 6.38 -14.14 11.32
C TYR E 10 6.68 -14.81 12.66
N LEU E 11 7.29 -15.98 12.58
CA LEU E 11 7.67 -16.76 13.76
C LEU E 11 9.01 -17.44 13.53
N ALA E 12 9.94 -17.24 14.45
CA ALA E 12 11.22 -17.92 14.43
C ALA E 12 11.28 -18.92 15.60
N ALA E 13 11.54 -20.18 15.28
CA ALA E 13 11.58 -21.23 16.29
C ALA E 13 12.59 -22.30 15.92
N SER E 14 12.82 -23.24 16.83
CA SER E 14 13.73 -24.36 16.60
C SER E 14 12.99 -25.68 16.69
N PRO E 15 13.52 -26.73 16.05
CA PRO E 15 12.92 -28.06 16.17
C PRO E 15 12.83 -28.52 17.62
N GLY E 16 11.69 -29.12 17.99
CA GLY E 16 11.47 -29.56 19.35
C GLY E 16 10.66 -28.59 20.17
N GLU E 17 10.60 -27.34 19.73
CA GLU E 17 9.89 -26.29 20.45
C GLU E 17 8.40 -26.31 20.12
N THR E 18 7.64 -25.50 20.85
CA THR E 18 6.21 -25.32 20.60
C THR E 18 5.92 -23.88 20.23
N ILE E 19 5.04 -23.68 19.26
CA ILE E 19 4.57 -22.35 18.88
C ILE E 19 3.07 -22.36 18.70
N THR E 20 2.47 -21.17 18.72
CA THR E 20 1.05 -21.03 18.44
C THR E 20 0.80 -19.89 17.47
N ILE E 21 -0.20 -20.08 16.61
CA ILE E 21 -0.62 -19.06 15.66
C ILE E 21 -2.07 -18.71 15.95
N ASN E 22 -2.40 -17.42 15.91
CA ASN E 22 -3.71 -16.93 16.30
C ASN E 22 -4.50 -16.36 15.13
N CYS E 23 -5.83 -16.46 15.22
N CYS E 23 -5.83 -16.41 15.27
CA CYS E 23 -6.70 -15.89 14.20
CA CYS E 23 -6.74 -15.96 14.21
C CYS E 23 -7.98 -15.37 14.85
C CYS E 23 -8.02 -15.39 14.83
N ARG E 24 -8.32 -14.13 14.50
CA ARG E 24 -9.53 -13.47 15.02
C ARG E 24 -10.45 -13.08 13.87
N ALA E 25 -11.70 -13.54 13.95
CA ALA E 25 -12.71 -13.21 12.95
C ALA E 25 -13.45 -11.94 13.35
N SER E 26 -13.88 -11.18 12.35
CA SER E 26 -14.56 -9.90 12.59
C SER E 26 -15.97 -10.09 13.13
N LYS E 27 -16.48 -11.31 13.07
CA LYS E 27 -17.78 -11.65 13.65
C LYS E 27 -17.78 -13.09 14.14
N ILE E 28 -18.78 -13.44 14.96
CA ILE E 28 -18.91 -14.80 15.44
C ILE E 28 -19.19 -15.74 14.27
N ILE E 29 -18.35 -16.76 14.12
CA ILE E 29 -18.46 -17.72 13.04
C ILE E 29 -18.58 -19.14 13.61
N SER E 30 -19.03 -19.22 14.85
CA SER E 30 -19.04 -20.48 15.59
C SER E 30 -17.63 -21.09 15.56
N LYS E 31 -17.52 -22.38 15.27
CA LYS E 31 -16.23 -23.07 15.27
C LYS E 31 -15.61 -23.17 13.88
N TYR E 32 -16.31 -22.64 12.88
CA TYR E 32 -15.97 -22.95 11.49
C TYR E 32 -14.79 -22.12 10.98
N LEU E 33 -13.61 -22.49 11.47
CA LEU E 33 -12.34 -21.89 11.08
C LEU E 33 -11.42 -23.04 10.70
N ALA E 34 -10.74 -22.90 9.56
CA ALA E 34 -9.83 -23.94 9.07
C ALA E 34 -8.39 -23.44 9.04
N TRP E 35 -7.45 -24.37 9.18
CA TRP E 35 -6.02 -24.06 9.15
C TRP E 35 -5.36 -24.78 7.98
N TYR E 36 -4.55 -24.05 7.22
CA TYR E 36 -3.86 -24.60 6.05
C TYR E 36 -2.35 -24.41 6.12
N GLN E 37 -1.62 -25.35 5.52
CA GLN E 37 -0.17 -25.28 5.41
C GLN E 37 0.24 -25.19 3.95
N GLU E 38 1.18 -24.29 3.66
CA GLU E 38 1.72 -24.14 2.30
C GLU E 38 3.23 -24.30 2.31
N LYS E 39 3.72 -25.22 1.47
CA LYS E 39 5.15 -25.43 1.29
C LYS E 39 5.47 -25.34 -0.20
N PRO E 40 6.69 -24.89 -0.55
CA PRO E 40 7.01 -24.75 -1.97
C PRO E 40 7.04 -26.10 -2.70
N GLY E 41 6.50 -26.13 -3.91
CA GLY E 41 6.48 -27.33 -4.71
C GLY E 41 5.43 -28.35 -4.29
N LYS E 42 4.67 -28.01 -3.25
CA LYS E 42 3.64 -28.90 -2.72
C LYS E 42 2.27 -28.23 -2.80
N THR E 43 1.22 -29.05 -2.89
CA THR E 43 -0.14 -28.54 -2.85
C THR E 43 -0.46 -28.07 -1.45
N ILE E 44 -1.35 -27.09 -1.36
CA ILE E 44 -1.80 -26.60 -0.06
C ILE E 44 -2.55 -27.71 0.68
N LYS E 45 -2.24 -27.86 1.97
CA LYS E 45 -2.79 -28.94 2.78
C LYS E 45 -3.71 -28.41 3.86
N LEU E 46 -4.89 -29.02 3.99
CA LEU E 46 -5.79 -28.74 5.10
C LEU E 46 -5.28 -29.47 6.34
N LEU E 47 -5.07 -28.72 7.42
CA LEU E 47 -4.59 -29.28 8.67
C LEU E 47 -5.75 -29.59 9.60
N ILE E 48 -6.56 -28.56 9.84
CA ILE E 48 -7.64 -28.62 10.81
C ILE E 48 -8.83 -27.87 10.24
N TYR E 49 -10.03 -28.43 10.41
CA TYR E 49 -11.26 -27.77 9.99
C TYR E 49 -12.26 -27.79 11.14
N SER E 50 -13.28 -26.94 11.03
CA SER E 50 -14.25 -26.75 12.10
C SER E 50 -13.53 -26.43 13.41
N GLY E 51 -12.46 -25.66 13.30
CA GLY E 51 -11.76 -25.14 14.47
C GLY E 51 -10.78 -26.10 15.12
N PHE E 52 -11.21 -27.33 15.36
CA PHE E 52 -10.48 -28.23 16.26
C PHE E 52 -10.33 -29.66 15.72
N THR E 53 -10.91 -29.95 14.57
CA THR E 53 -10.87 -31.30 14.01
C THR E 53 -9.72 -31.48 13.04
N LEU E 54 -8.78 -32.36 13.38
CA LEU E 54 -7.66 -32.68 12.50
C LEU E 54 -8.13 -33.46 11.29
N GLN E 55 -7.58 -33.11 10.13
CA GLN E 55 -7.81 -33.87 8.92
C GLN E 55 -7.07 -35.19 9.02
N SER E 56 -7.58 -36.21 8.33
CA SER E 56 -6.95 -37.53 8.32
C SER E 56 -5.51 -37.43 7.79
N GLY E 57 -4.60 -38.10 8.48
CA GLY E 57 -3.21 -38.15 8.06
C GLY E 57 -2.35 -37.01 8.60
N ILE E 58 -2.99 -36.04 9.26
CA ILE E 58 -2.26 -34.92 9.85
C ILE E 58 -1.65 -35.34 11.19
N PRO E 59 -0.36 -35.03 11.43
CA PRO E 59 0.29 -35.47 12.68
C PRO E 59 -0.33 -34.86 13.93
N SER E 60 -0.16 -35.55 15.06
CA SER E 60 -0.71 -35.10 16.34
C SER E 60 0.02 -33.88 16.91
N ARG E 61 1.10 -33.46 16.25
CA ARG E 61 1.81 -32.25 16.65
C ARG E 61 0.89 -31.03 16.53
N PHE E 62 -0.09 -31.12 15.63
CA PHE E 62 -1.03 -30.04 15.40
C PHE E 62 -2.28 -30.20 16.26
N SER E 63 -2.78 -29.10 16.80
CA SER E 63 -4.05 -29.10 17.52
C SER E 63 -4.69 -27.73 17.42
N GLY E 64 -6.01 -27.68 17.58
CA GLY E 64 -6.76 -26.44 17.43
C GLY E 64 -7.60 -26.11 18.65
N SER E 65 -7.53 -24.86 19.08
CA SER E 65 -8.34 -24.36 20.18
C SER E 65 -8.95 -23.02 19.79
N GLY E 66 -9.83 -22.49 20.63
CA GLY E 66 -10.49 -21.24 20.34
C GLY E 66 -11.47 -20.80 21.40
N SER E 67 -11.84 -19.52 21.34
CA SER E 67 -12.84 -18.95 22.24
C SER E 67 -13.48 -17.73 21.56
N GLY E 68 -14.79 -17.79 21.39
CA GLY E 68 -15.51 -16.72 20.73
C GLY E 68 -15.05 -16.54 19.30
N THR E 69 -14.58 -15.34 18.98
CA THR E 69 -14.08 -15.04 17.65
C THR E 69 -12.63 -15.46 17.45
N ASP E 70 -11.97 -15.84 18.54
CA ASP E 70 -10.54 -16.15 18.50
C ASP E 70 -10.27 -17.65 18.33
N PHE E 71 -9.28 -17.96 17.50
CA PHE E 71 -8.84 -19.33 17.26
C PHE E 71 -7.34 -19.43 17.39
N THR E 72 -6.85 -20.60 17.79
CA THR E 72 -5.43 -20.81 17.99
C THR E 72 -4.97 -22.18 17.48
N LEU E 73 -3.95 -22.16 16.63
CA LEU E 73 -3.29 -23.37 16.17
C LEU E 73 -2.03 -23.60 16.99
N THR E 74 -1.89 -24.80 17.55
CA THR E 74 -0.68 -25.18 18.25
C THR E 74 0.11 -26.16 17.41
N ILE E 75 1.41 -25.92 17.29
CA ILE E 75 2.32 -26.91 16.74
C ILE E 75 3.42 -27.16 17.78
N SER E 76 3.36 -28.32 18.41
CA SER E 76 4.32 -28.70 19.43
C SER E 76 5.33 -29.69 18.89
N SER E 77 6.46 -29.83 19.59
CA SER E 77 7.52 -30.75 19.20
C SER E 77 7.88 -30.58 17.72
N LEU E 78 8.08 -29.33 17.32
CA LEU E 78 8.33 -28.97 15.92
C LEU E 78 9.34 -29.86 15.21
N GLU E 79 8.96 -30.30 14.01
CA GLU E 79 9.86 -31.03 13.13
C GLU E 79 10.29 -30.11 11.99
N PRO E 80 11.44 -30.40 11.36
CA PRO E 80 11.92 -29.56 10.25
C PRO E 80 10.88 -29.31 9.17
N GLU E 81 10.03 -30.31 8.88
CA GLU E 81 9.03 -30.18 7.83
C GLU E 81 7.88 -29.25 8.22
N ASP E 82 7.78 -28.92 9.51
CA ASP E 82 6.69 -28.07 9.99
C ASP E 82 6.95 -26.59 9.70
N PHE E 83 8.19 -26.27 9.37
CA PHE E 83 8.54 -24.88 9.10
C PHE E 83 8.08 -24.51 7.70
N ALA E 84 7.01 -23.72 7.65
CA ALA E 84 6.29 -23.48 6.40
C ALA E 84 5.41 -22.23 6.54
N MET E 85 4.53 -22.04 5.55
CA MET E 85 3.57 -20.95 5.58
C MET E 85 2.23 -21.48 6.07
N TYR E 86 1.56 -20.69 6.93
CA TYR E 86 0.28 -21.08 7.50
C TYR E 86 -0.80 -20.03 7.30
N TYR E 87 -1.98 -20.48 6.89
CA TYR E 87 -3.12 -19.60 6.64
C TYR E 87 -4.35 -20.12 7.38
N CYS E 88 -5.10 -19.20 8.00
CA CYS E 88 -6.40 -19.54 8.57
C CYS E 88 -7.49 -19.11 7.60
N GLN E 89 -8.67 -19.68 7.76
CA GLN E 89 -9.79 -19.42 6.85
C GLN E 89 -11.11 -19.79 7.50
N GLN E 90 -12.07 -18.88 7.46
CA GLN E 90 -13.42 -19.18 7.93
C GLN E 90 -14.18 -19.86 6.80
N HIS E 91 -14.93 -20.90 7.14
CA HIS E 91 -15.79 -21.58 6.19
C HIS E 91 -17.21 -21.63 6.74
N ASN E 92 -17.60 -20.52 7.36
CA ASN E 92 -18.96 -20.35 7.88
C ASN E 92 -19.90 -19.84 6.80
N GLU E 93 -19.36 -19.07 5.85
CA GLU E 93 -20.18 -18.46 4.81
C GLU E 93 -19.36 -18.08 3.58
N TYR E 94 -20.02 -17.99 2.43
CA TYR E 94 -19.40 -17.43 1.24
C TYR E 94 -19.47 -15.90 1.32
N PRO E 95 -18.43 -15.20 0.82
CA PRO E 95 -17.19 -15.74 0.25
C PRO E 95 -16.25 -16.30 1.32
N LEU E 96 -15.56 -17.39 1.00
CA LEU E 96 -14.50 -17.88 1.87
C LEU E 96 -13.43 -16.81 1.96
N THR E 97 -12.94 -16.54 3.17
CA THR E 97 -11.93 -15.51 3.39
C THR E 97 -10.76 -16.06 4.19
N PHE E 98 -9.57 -15.55 3.91
CA PHE E 98 -8.33 -16.05 4.49
C PHE E 98 -7.64 -15.00 5.35
N GLY E 99 -6.85 -15.48 6.31
CA GLY E 99 -5.92 -14.62 7.02
C GLY E 99 -4.75 -14.30 6.11
N ALA E 100 -3.98 -13.29 6.47
CA ALA E 100 -2.87 -12.83 5.62
C ALA E 100 -1.66 -13.77 5.71
N GLY E 101 -1.71 -14.71 6.65
CA GLY E 101 -0.71 -15.77 6.72
C GLY E 101 0.35 -15.59 7.79
N THR E 102 1.02 -16.68 8.12
CA THR E 102 2.11 -16.69 9.09
C THR E 102 3.29 -17.48 8.53
N LYS E 103 4.47 -16.85 8.48
CA LYS E 103 5.68 -17.53 8.05
C LYS E 103 6.45 -18.06 9.27
N LEU E 104 6.56 -19.38 9.35
CA LEU E 104 7.28 -20.04 10.43
C LEU E 104 8.66 -20.48 9.95
N GLU E 105 9.70 -19.74 10.33
CA GLU E 105 11.04 -20.03 9.86
C GLU E 105 11.83 -20.74 10.94
N ILE E 106 12.90 -21.44 10.54
CA ILE E 106 13.74 -22.13 11.49
C ILE E 106 14.82 -21.17 12.01
N LYS E 107 14.94 -21.12 13.32
CA LYS E 107 15.90 -20.25 14.01
C LYS E 107 17.33 -20.79 13.92
N ARG E 108 18.30 -19.90 13.79
CA ARG E 108 19.71 -20.27 13.80
C ARG E 108 20.59 -19.11 14.27
N THR E 109 21.87 -19.39 14.45
CA THR E 109 22.82 -18.38 14.92
C THR E 109 22.98 -17.26 13.89
N VAL E 110 23.29 -16.07 14.38
CA VAL E 110 23.50 -14.92 13.51
C VAL E 110 24.68 -15.16 12.57
N ALA E 111 24.47 -14.89 11.29
CA ALA E 111 25.52 -15.04 10.28
C ALA E 111 25.59 -13.80 9.41
N ALA E 112 26.77 -13.19 9.34
CA ALA E 112 26.96 -11.99 8.52
C ALA E 112 27.02 -12.38 7.04
N PRO E 113 26.56 -11.47 6.17
CA PRO E 113 26.62 -11.76 4.72
C PRO E 113 27.98 -11.52 4.11
N SER E 114 28.34 -12.33 3.11
CA SER E 114 29.49 -12.03 2.27
C SER E 114 29.01 -11.11 1.15
N VAL E 115 29.61 -9.94 1.04
CA VAL E 115 29.13 -8.92 0.11
C VAL E 115 29.98 -8.90 -1.16
N PHE E 116 29.30 -8.80 -2.31
CA PHE E 116 29.96 -8.71 -3.61
C PHE E 116 29.26 -7.67 -4.46
N ILE E 117 30.04 -6.89 -5.20
CA ILE E 117 29.50 -5.91 -6.14
C ILE E 117 29.92 -6.29 -7.56
N PHE E 118 28.98 -6.16 -8.50
CA PHE E 118 29.23 -6.50 -9.89
C PHE E 118 28.95 -5.32 -10.82
N PRO E 119 29.97 -4.89 -11.59
CA PRO E 119 29.71 -3.82 -12.56
C PRO E 119 28.88 -4.34 -13.73
N PRO E 120 28.26 -3.43 -14.48
CA PRO E 120 27.55 -3.87 -15.69
C PRO E 120 28.53 -4.37 -16.74
N SER E 121 28.11 -5.33 -17.55
CA SER E 121 28.97 -5.85 -18.62
C SER E 121 29.05 -4.82 -19.74
N ASP E 122 30.10 -4.90 -20.54
CA ASP E 122 30.22 -4.03 -21.70
C ASP E 122 29.13 -4.34 -22.70
N GLU E 123 28.75 -5.62 -22.79
CA GLU E 123 27.71 -6.05 -23.70
C GLU E 123 26.38 -5.35 -23.41
N GLN E 124 26.04 -5.23 -22.14
CA GLN E 124 24.81 -4.55 -21.74
C GLN E 124 24.95 -3.05 -22.03
N LEU E 125 26.12 -2.50 -21.73
CA LEU E 125 26.38 -1.09 -21.97
C LEU E 125 26.22 -0.73 -23.44
N LYS E 126 26.46 -1.68 -24.34
CA LYS E 126 26.24 -1.42 -25.76
C LYS E 126 24.76 -1.14 -26.02
N SER E 127 23.89 -1.73 -25.20
CA SER E 127 22.49 -1.39 -25.23
C SER E 127 22.34 -0.11 -24.41
N GLY E 128 21.13 0.41 -24.27
CA GLY E 128 20.94 1.67 -23.58
C GLY E 128 20.90 1.65 -22.06
N THR E 129 21.24 0.53 -21.44
CA THR E 129 21.09 0.39 -19.98
C THR E 129 22.32 -0.20 -19.26
N ALA E 130 22.49 0.19 -18.00
CA ALA E 130 23.53 -0.34 -17.13
C ALA E 130 22.92 -0.89 -15.84
N SER E 131 23.17 -2.17 -15.56
CA SER E 131 22.73 -2.80 -14.31
C SER E 131 23.90 -3.08 -13.38
N VAL E 132 23.82 -2.55 -12.16
CA VAL E 132 24.83 -2.81 -11.13
C VAL E 132 24.23 -3.68 -10.04
N VAL E 133 24.87 -4.80 -9.74
CA VAL E 133 24.34 -5.78 -8.81
C VAL E 133 25.18 -5.87 -7.53
N CYS E 134 24.48 -5.88 -6.40
CA CYS E 134 25.11 -6.08 -5.10
C CYS E 134 24.54 -7.36 -4.47
N LEU E 135 25.42 -8.29 -4.13
CA LEU E 135 25.02 -9.59 -3.60
C LEU E 135 25.33 -9.73 -2.12
N LEU E 136 24.32 -10.12 -1.34
CA LEU E 136 24.50 -10.46 0.06
C LEU E 136 24.28 -11.96 0.22
N ASN E 137 25.33 -12.70 0.52
CA ASN E 137 25.29 -14.16 0.49
C ASN E 137 25.26 -14.83 1.87
N ASN E 138 24.28 -15.71 2.05
CA ASN E 138 24.20 -16.59 3.23
C ASN E 138 24.26 -15.86 4.57
N PHE E 139 23.23 -15.08 4.88
CA PHE E 139 23.16 -14.37 6.15
C PHE E 139 21.88 -14.72 6.93
N TYR E 140 21.92 -14.44 8.23
CA TYR E 140 20.75 -14.61 9.09
C TYR E 140 20.89 -13.64 10.26
N PRO E 141 19.79 -12.97 10.66
CA PRO E 141 18.41 -13.03 10.15
C PRO E 141 18.23 -12.31 8.82
N ARG E 142 17.01 -12.35 8.30
CA ARG E 142 16.69 -11.79 6.98
C ARG E 142 16.85 -10.28 6.94
N GLU E 143 16.57 -9.61 8.05
CA GLU E 143 16.58 -8.16 8.11
C GLU E 143 17.97 -7.61 7.75
N ALA E 144 18.02 -6.83 6.67
CA ALA E 144 19.26 -6.23 6.21
C ALA E 144 18.99 -4.94 5.45
N LYS E 145 19.94 -4.01 5.51
CA LYS E 145 19.81 -2.73 4.82
C LYS E 145 20.90 -2.60 3.76
N VAL E 146 20.49 -2.41 2.51
CA VAL E 146 21.41 -2.18 1.41
C VAL E 146 21.27 -0.76 0.90
N GLN E 147 22.39 -0.02 0.91
CA GLN E 147 22.41 1.38 0.52
C GLN E 147 23.37 1.60 -0.64
N TRP E 148 22.85 2.00 -1.79
CA TRP E 148 23.67 2.31 -2.95
C TRP E 148 24.21 3.74 -2.88
N LYS E 149 25.48 3.91 -3.26
CA LYS E 149 26.10 5.22 -3.32
C LYS E 149 26.90 5.39 -4.61
N VAL E 150 26.66 6.49 -5.30
CA VAL E 150 27.39 6.82 -6.53
C VAL E 150 28.12 8.14 -6.33
N ASP E 151 29.45 8.07 -6.23
CA ASP E 151 30.27 9.21 -5.86
C ASP E 151 29.73 9.82 -4.57
N ASN E 152 29.54 8.93 -3.58
CA ASN E 152 29.12 9.28 -2.22
C ASN E 152 27.68 9.82 -2.13
N ALA E 153 26.99 9.94 -3.25
CA ALA E 153 25.60 10.36 -3.25
C ALA E 153 24.65 9.18 -3.05
N LEU E 154 23.85 9.25 -1.98
CA LEU E 154 22.91 8.17 -1.69
C LEU E 154 21.84 8.07 -2.76
N GLN E 155 21.70 6.86 -3.32
CA GLN E 155 20.72 6.61 -4.38
C GLN E 155 19.34 6.33 -3.82
N SER E 156 18.31 6.67 -4.60
CA SER E 156 16.93 6.49 -4.18
C SER E 156 16.01 6.26 -5.36
N GLY E 157 15.15 5.26 -5.25
CA GLY E 157 14.12 5.00 -6.24
C GLY E 157 14.57 4.29 -7.49
N ASN E 158 15.86 3.98 -7.58
CA ASN E 158 16.41 3.33 -8.78
C ASN E 158 16.99 1.94 -8.50
N SER E 159 16.57 1.31 -7.40
CA SER E 159 17.03 -0.04 -7.09
C SER E 159 15.85 -0.95 -6.72
N GLN E 160 16.06 -2.24 -6.93
CA GLN E 160 15.10 -3.26 -6.54
C GLN E 160 15.79 -4.41 -5.84
N GLU E 161 15.17 -4.92 -4.78
CA GLU E 161 15.72 -6.02 -4.02
C GLU E 161 14.97 -7.32 -4.29
N SER E 162 15.67 -8.44 -4.11
CA SER E 162 15.08 -9.76 -4.26
C SER E 162 15.78 -10.70 -3.29
N VAL E 163 15.00 -11.55 -2.61
CA VAL E 163 15.53 -12.42 -1.56
C VAL E 163 15.11 -13.87 -1.76
N THR E 164 16.03 -14.79 -1.54
CA THR E 164 15.74 -16.22 -1.60
C THR E 164 15.00 -16.66 -0.34
N GLU E 165 14.43 -17.86 -0.38
CA GLU E 165 13.86 -18.48 0.81
C GLU E 165 14.98 -19.09 1.62
N GLN E 166 14.69 -19.44 2.87
CA GLN E 166 15.69 -20.04 3.74
C GLN E 166 16.33 -21.26 3.08
N ASP E 167 17.65 -21.33 3.17
CA ASP E 167 18.39 -22.44 2.57
C ASP E 167 18.11 -23.72 3.32
N SER E 168 17.81 -24.78 2.57
CA SER E 168 17.46 -26.07 3.15
C SER E 168 18.56 -26.63 4.06
N LYS E 169 19.81 -26.27 3.75
CA LYS E 169 20.95 -26.86 4.46
C LYS E 169 21.41 -26.01 5.66
N ASP E 170 21.68 -24.72 5.44
CA ASP E 170 22.21 -23.88 6.51
C ASP E 170 21.24 -22.80 6.99
N SER E 171 20.02 -22.83 6.47
CA SER E 171 18.93 -21.96 6.95
C SER E 171 19.25 -20.47 6.86
N THR E 172 20.14 -20.09 5.94
CA THR E 172 20.47 -18.69 5.73
C THR E 172 19.65 -18.09 4.59
N TYR E 173 19.77 -16.78 4.42
CA TYR E 173 19.17 -16.07 3.30
C TYR E 173 20.25 -15.51 2.39
N SER E 174 19.87 -15.24 1.15
CA SER E 174 20.71 -14.48 0.23
C SER E 174 19.86 -13.39 -0.41
N LEU E 175 20.50 -12.28 -0.74
CA LEU E 175 19.80 -11.11 -1.26
C LEU E 175 20.56 -10.48 -2.40
N SER E 176 19.82 -10.02 -3.41
CA SER E 176 20.40 -9.27 -4.52
C SER E 176 19.77 -7.90 -4.60
N SER E 177 20.61 -6.88 -4.70
CA SER E 177 20.15 -5.52 -4.94
C SER E 177 20.68 -5.06 -6.29
N THR E 178 19.76 -4.67 -7.17
CA THR E 178 20.12 -4.28 -8.53
C THR E 178 19.84 -2.81 -8.77
N LEU E 179 20.89 -2.07 -9.07
CA LEU E 179 20.79 -0.65 -9.39
C LEU E 179 20.73 -0.49 -10.91
N THR E 180 19.66 0.16 -11.40
CA THR E 180 19.47 0.33 -12.83
C THR E 180 19.67 1.78 -13.24
N LEU E 181 20.60 2.00 -14.16
CA LEU E 181 20.88 3.33 -14.68
C LEU E 181 20.93 3.30 -16.21
N SER E 182 20.76 4.46 -16.82
CA SER E 182 20.99 4.61 -18.25
C SER E 182 22.49 4.59 -18.50
N LYS E 183 22.88 4.31 -19.74
CA LYS E 183 24.29 4.32 -20.10
C LYS E 183 24.89 5.71 -19.83
N ALA E 184 24.12 6.75 -20.15
CA ALA E 184 24.56 8.12 -19.95
C ALA E 184 24.85 8.40 -18.47
N ASP E 185 23.86 8.14 -17.62
CA ASP E 185 24.01 8.37 -16.19
C ASP E 185 25.15 7.56 -15.59
N TYR E 186 25.27 6.31 -16.03
CA TYR E 186 26.32 5.44 -15.52
C TYR E 186 27.71 6.00 -15.79
N GLU E 187 27.91 6.55 -16.99
CA GLU E 187 29.21 7.03 -17.42
C GLU E 187 29.54 8.42 -16.86
N LYS E 188 28.55 9.06 -16.22
CA LYS E 188 28.78 10.36 -15.60
C LYS E 188 29.63 10.25 -14.33
N HIS E 189 29.71 9.05 -13.77
CA HIS E 189 30.28 8.86 -12.43
C HIS E 189 31.37 7.79 -12.40
N LYS E 190 32.16 7.81 -11.34
CA LYS E 190 33.32 6.93 -11.20
C LYS E 190 33.09 5.84 -10.16
N VAL E 191 32.87 6.24 -8.92
CA VAL E 191 32.82 5.29 -7.80
C VAL E 191 31.41 4.78 -7.57
N TYR E 192 31.24 3.47 -7.71
CA TYR E 192 29.98 2.81 -7.44
C TYR E 192 30.13 1.89 -6.23
N ALA E 193 29.30 2.11 -5.23
CA ALA E 193 29.40 1.39 -3.97
C ALA E 193 28.03 1.01 -3.42
N CYS E 194 27.99 -0.09 -2.67
N CYS E 194 27.98 -0.10 -2.69
CA CYS E 194 26.77 -0.52 -1.99
CA CYS E 194 26.77 -0.52 -1.99
C CYS E 194 27.12 -0.86 -0.54
C CYS E 194 27.15 -0.84 -0.55
N GLU E 195 26.47 -0.18 0.38
CA GLU E 195 26.75 -0.31 1.81
C GLU E 195 25.74 -1.22 2.47
N VAL E 196 26.24 -2.23 3.17
CA VAL E 196 25.40 -3.26 3.79
C VAL E 196 25.44 -3.16 5.32
N THR E 197 24.25 -3.07 5.92
CA THR E 197 24.10 -3.06 7.37
C THR E 197 23.37 -4.32 7.82
N HIS E 198 23.97 -5.05 8.76
CA HIS E 198 23.39 -6.29 9.24
C HIS E 198 23.83 -6.59 10.67
N GLN E 199 23.00 -7.33 11.40
CA GLN E 199 23.25 -7.64 12.81
C GLN E 199 24.59 -8.34 13.02
N GLY E 200 25.00 -9.13 12.04
CA GLY E 200 26.23 -9.91 12.13
C GLY E 200 27.48 -9.10 11.84
N LEU E 201 27.30 -7.86 11.40
CA LEU E 201 28.42 -6.97 11.10
C LEU E 201 28.60 -5.95 12.21
N SER E 202 29.84 -5.80 12.68
CA SER E 202 30.16 -4.83 13.72
C SER E 202 29.85 -3.41 13.24
N SER E 203 30.21 -3.14 11.99
CA SER E 203 29.89 -1.87 11.34
C SER E 203 29.59 -2.15 9.88
N PRO E 204 28.88 -1.23 9.21
CA PRO E 204 28.48 -1.45 7.81
C PRO E 204 29.65 -1.78 6.89
N VAL E 205 29.44 -2.73 5.99
CA VAL E 205 30.45 -3.14 5.03
C VAL E 205 30.14 -2.52 3.67
N THR E 206 31.15 -1.90 3.07
CA THR E 206 31.02 -1.28 1.75
C THR E 206 31.88 -2.01 0.72
N LYS E 207 31.24 -2.44 -0.36
CA LYS E 207 31.94 -2.99 -1.52
C LYS E 207 31.76 -2.04 -2.68
N SER E 208 32.87 -1.74 -3.38
CA SER E 208 32.83 -0.74 -4.44
C SER E 208 33.81 -1.05 -5.56
N PHE E 209 33.62 -0.36 -6.68
CA PHE E 209 34.55 -0.42 -7.80
C PHE E 209 34.60 0.93 -8.49
N ASN E 210 35.67 1.18 -9.24
CA ASN E 210 35.78 2.37 -10.07
C ASN E 210 35.51 2.02 -11.52
N ARG E 211 34.56 2.73 -12.13
CA ARG E 211 34.19 2.49 -13.52
C ARG E 211 35.39 2.65 -14.46
N GLY E 212 35.70 1.59 -15.21
CA GLY E 212 36.77 1.64 -16.20
C GLY E 212 38.10 1.13 -15.69
N GLU E 213 38.14 0.78 -14.41
CA GLU E 213 39.35 0.31 -13.74
C GLU E 213 39.26 -1.11 -13.21
N CYS E 214 40.27 -1.90 -13.52
CA CYS E 214 40.32 -3.30 -13.10
C CYS E 214 41.73 -3.86 -13.21
N SER F 23 32.46 16.87 -12.48
CA SER F 23 33.71 17.15 -13.18
C SER F 23 34.03 16.06 -14.19
N ILE F 24 33.66 14.82 -13.87
CA ILE F 24 33.84 13.70 -14.78
C ILE F 24 33.02 13.94 -16.04
N PHE F 25 31.78 14.34 -15.83
CA PHE F 25 30.83 14.60 -16.92
C PHE F 25 31.29 15.79 -17.75
N ILE F 26 31.92 16.76 -17.10
CA ILE F 26 32.43 17.95 -17.76
C ILE F 26 33.63 17.64 -18.65
N GLU F 27 34.59 16.90 -18.10
CA GLU F 27 35.77 16.48 -18.85
C GLU F 27 35.37 15.68 -20.09
N ASP F 28 34.43 14.76 -19.91
CA ASP F 28 33.89 13.97 -21.01
C ASP F 28 33.25 14.85 -22.07
N ALA F 29 32.50 15.86 -21.61
CA ALA F 29 31.77 16.75 -22.51
C ALA F 29 32.72 17.63 -23.32
N ILE F 30 33.83 18.04 -22.70
CA ILE F 30 34.79 18.92 -23.35
C ILE F 30 35.38 18.26 -24.60
N LYS F 31 35.69 16.97 -24.48
CA LYS F 31 36.23 16.20 -25.59
C LYS F 31 35.23 16.10 -26.74
N TYR F 32 33.97 15.84 -26.38
CA TYR F 32 32.90 15.67 -27.36
C TYR F 32 32.70 16.92 -28.21
N PHE F 33 32.78 18.09 -27.57
CA PHE F 33 32.56 19.37 -28.26
C PHE F 33 33.80 19.87 -28.99
N LYS F 34 34.94 19.21 -28.77
CA LYS F 34 36.19 19.63 -29.39
C LYS F 34 36.31 19.08 -30.81
N GLU F 35 35.95 17.82 -31.00
CA GLU F 35 36.10 17.15 -32.29
C GLU F 35 34.78 17.10 -33.07
N LYS F 36 33.80 16.36 -32.57
CA LYS F 36 32.55 16.16 -33.29
C LYS F 36 31.82 17.48 -33.57
N VAL F 37 31.80 18.37 -32.59
CA VAL F 37 31.16 19.67 -32.75
C VAL F 37 32.19 20.70 -33.23
N SER F 38 31.83 21.43 -34.28
CA SER F 38 32.72 22.44 -34.85
C SER F 38 32.58 23.76 -34.11
N THR F 39 33.65 24.56 -34.13
CA THR F 39 33.67 25.87 -33.48
C THR F 39 32.50 26.75 -33.91
N GLN F 40 32.07 26.60 -35.15
CA GLN F 40 30.94 27.37 -35.67
C GLN F 40 29.64 26.90 -35.01
N ASN F 41 29.45 25.58 -34.97
CA ASN F 41 28.28 24.98 -34.36
C ASN F 41 28.22 25.27 -32.87
N LEU F 42 29.37 25.22 -32.22
CA LEU F 42 29.48 25.42 -30.78
C LEU F 42 28.98 26.82 -30.40
N LEU F 43 29.26 27.79 -31.26
CA LEU F 43 28.88 29.18 -31.01
C LEU F 43 27.37 29.40 -31.11
N LEU F 44 26.74 28.75 -32.08
CA LEU F 44 25.29 28.89 -32.27
C LEU F 44 24.53 28.35 -31.06
N LEU F 45 25.06 27.27 -30.48
CA LEU F 45 24.46 26.65 -29.31
C LEU F 45 24.60 27.56 -28.09
N LEU F 46 25.83 27.99 -27.84
CA LEU F 46 26.17 28.79 -26.67
C LEU F 46 25.52 30.17 -26.69
N THR F 47 25.34 30.72 -27.89
CA THR F 47 24.85 32.07 -28.06
C THR F 47 23.34 32.18 -27.79
N ASP F 48 22.56 31.37 -28.48
CA ASP F 48 21.10 31.43 -28.39
C ASP F 48 20.56 30.72 -27.16
N ASN F 49 19.82 31.46 -26.33
CA ASN F 49 19.19 30.86 -25.15
C ASN F 49 18.15 29.82 -25.55
N GLU F 50 17.45 30.08 -26.65
CA GLU F 50 16.41 29.17 -27.13
C GLU F 50 17.01 27.84 -27.54
N ALA F 51 18.17 27.88 -28.19
CA ALA F 51 18.83 26.67 -28.67
C ALA F 51 19.44 25.89 -27.51
N TRP F 52 19.97 26.61 -26.51
CA TRP F 52 20.57 25.97 -25.36
C TRP F 52 19.52 25.21 -24.55
N ASN F 53 18.35 25.83 -24.39
CA ASN F 53 17.25 25.21 -23.66
C ASN F 53 16.80 23.90 -24.31
N GLY F 54 16.71 23.90 -25.63
CA GLY F 54 16.32 22.72 -26.37
C GLY F 54 17.36 21.62 -26.25
N PHE F 55 18.62 22.03 -26.17
CA PHE F 55 19.74 21.08 -26.08
C PHE F 55 19.80 20.40 -24.72
N VAL F 56 19.67 21.18 -23.65
CA VAL F 56 19.74 20.63 -22.30
C VAL F 56 18.50 19.80 -21.97
N ALA F 57 17.39 20.12 -22.63
CA ALA F 57 16.15 19.38 -22.44
C ALA F 57 16.25 18.02 -23.10
N ALA F 58 16.82 17.98 -24.30
CA ALA F 58 16.99 16.74 -25.04
C ALA F 58 17.97 15.83 -24.31
N ALA F 59 18.96 16.44 -23.65
CA ALA F 59 19.97 15.70 -22.92
C ALA F 59 19.48 15.31 -21.52
N GLU F 60 18.33 15.85 -21.13
CA GLU F 60 17.73 15.55 -19.83
C GLU F 60 18.67 15.91 -18.68
N LEU F 61 19.38 17.02 -18.80
CA LEU F 61 20.36 17.43 -17.80
C LEU F 61 19.71 18.06 -16.58
N PRO F 62 20.19 17.71 -15.37
CA PRO F 62 19.80 18.51 -14.20
C PRO F 62 20.33 19.93 -14.36
N ARG F 63 19.63 20.91 -13.79
CA ARG F 63 19.96 22.31 -14.03
C ARG F 63 21.39 22.65 -13.58
N ASN F 64 21.83 22.08 -12.47
CA ASN F 64 23.18 22.35 -11.97
C ASN F 64 24.25 21.88 -12.96
N GLU F 65 23.99 20.75 -13.61
CA GLU F 65 24.91 20.22 -14.61
C GLU F 65 24.87 21.07 -15.88
N ALA F 66 23.70 21.60 -16.19
CA ALA F 66 23.54 22.50 -17.33
C ALA F 66 24.35 23.77 -17.12
N ASP F 67 24.31 24.30 -15.90
CA ASP F 67 25.07 25.51 -15.56
C ASP F 67 26.57 25.23 -15.68
N GLU F 68 26.99 24.08 -15.15
CA GLU F 68 28.39 23.68 -15.19
C GLU F 68 28.84 23.50 -16.64
N LEU F 69 27.98 22.90 -17.46
CA LEU F 69 28.33 22.63 -18.85
C LEU F 69 28.50 23.90 -19.67
N ARG F 70 27.59 24.85 -19.50
CA ARG F 70 27.64 26.11 -20.24
C ARG F 70 28.90 26.87 -19.87
N LYS F 71 29.19 26.93 -18.57
CA LYS F 71 30.40 27.58 -18.06
C LYS F 71 31.66 26.98 -18.63
N ALA F 72 31.74 25.65 -18.60
CA ALA F 72 32.88 24.95 -19.15
C ALA F 72 32.98 25.14 -20.66
N LEU F 73 31.84 25.22 -21.33
CA LEU F 73 31.82 25.40 -22.78
C LEU F 73 32.14 26.84 -23.17
N ASP F 74 31.83 27.79 -22.31
CA ASP F 74 32.18 29.19 -22.56
C ASP F 74 33.70 29.33 -22.69
N ASN F 75 34.45 28.66 -21.82
CA ASN F 75 35.90 28.70 -21.88
C ASN F 75 36.43 28.01 -23.14
N LEU F 76 35.85 26.86 -23.48
CA LEU F 76 36.27 26.12 -24.67
C LEU F 76 36.10 26.95 -25.92
N ALA F 77 34.96 27.66 -26.01
CA ALA F 77 34.66 28.51 -27.15
C ALA F 77 35.66 29.66 -27.23
N ARG F 78 35.90 30.29 -26.09
CA ARG F 78 36.82 31.41 -25.97
C ARG F 78 38.22 30.95 -26.38
N GLN F 79 38.57 29.74 -25.95
CA GLN F 79 39.85 29.14 -26.28
C GLN F 79 40.00 28.87 -27.77
N MET F 80 38.89 28.52 -28.42
CA MET F 80 38.90 28.27 -29.87
C MET F 80 38.87 29.58 -30.65
N ILE F 81 38.22 30.60 -30.07
CA ILE F 81 38.18 31.91 -30.69
C ILE F 81 39.52 32.60 -30.54
N MET F 82 40.25 32.27 -29.49
CA MET F 82 41.61 32.77 -29.31
C MET F 82 42.50 32.23 -30.41
N LYS F 83 42.24 30.99 -30.83
CA LYS F 83 42.98 30.40 -31.95
C LYS F 83 42.68 31.10 -33.26
N ASP F 84 41.42 31.50 -33.45
CA ASP F 84 41.00 32.15 -34.70
C ASP F 84 41.44 33.60 -34.73
N LYS F 85 41.39 34.27 -33.58
CA LYS F 85 41.84 35.66 -33.51
C LYS F 85 43.35 35.71 -33.68
N ASN F 86 44.04 34.69 -33.17
CA ASN F 86 45.48 34.57 -33.35
C ASN F 86 45.82 34.14 -34.77
N TRP F 87 44.88 33.45 -35.43
CA TRP F 87 45.06 33.03 -36.81
C TRP F 87 44.95 34.22 -37.74
N HIS F 88 44.05 35.14 -37.39
CA HIS F 88 43.85 36.36 -38.18
C HIS F 88 45.03 37.32 -37.99
N ASP F 89 45.54 37.39 -36.76
CA ASP F 89 46.63 38.30 -36.42
C ASP F 89 47.96 37.82 -36.98
N LYS F 90 48.23 36.52 -36.83
CA LYS F 90 49.46 35.93 -37.33
C LYS F 90 49.51 36.02 -38.86
N GLY F 91 48.34 35.90 -39.48
CA GLY F 91 48.24 35.96 -40.92
C GLY F 91 48.50 37.35 -41.48
N GLN F 92 48.21 38.38 -40.69
CA GLN F 92 48.46 39.75 -41.13
C GLN F 92 49.95 40.09 -40.98
N GLN F 93 50.54 39.65 -39.88
CA GLN F 93 51.96 39.85 -39.64
C GLN F 93 52.77 38.99 -40.61
N TYR F 94 52.18 37.86 -40.99
CA TYR F 94 52.78 36.97 -41.98
C TYR F 94 52.90 37.71 -43.30
N ARG F 95 51.91 38.53 -43.62
CA ARG F 95 51.89 39.32 -44.84
C ARG F 95 52.80 40.56 -44.73
N ASN F 96 52.65 41.29 -43.63
CA ASN F 96 53.39 42.53 -43.40
C ASN F 96 54.90 42.32 -43.44
N TRP F 97 55.35 41.12 -43.08
CA TRP F 97 56.76 40.79 -43.11
C TRP F 97 57.28 40.69 -44.54
N PHE F 98 56.46 40.12 -45.42
CA PHE F 98 56.84 39.93 -46.83
C PHE F 98 56.81 41.22 -47.64
N LEU F 99 56.16 42.25 -47.10
CA LEU F 99 56.09 43.54 -47.79
C LEU F 99 57.39 44.31 -47.67
N LYS F 100 58.18 43.97 -46.66
CA LYS F 100 59.49 44.60 -46.46
C LYS F 100 60.61 43.75 -47.06
C1 EOH G . 2.23 35.87 3.62
C2 EOH G . 2.24 35.18 2.26
O EOH G . 1.97 34.96 4.67
H11 EOH G . 1.48 36.65 3.63
H12 EOH G . 3.21 36.33 3.79
H21 EOH G . 1.26 34.73 2.09
H22 EOH G . 3.00 34.41 2.25
H23 EOH G . 2.44 35.91 1.49
HO EOH G . 2.74 34.37 4.79
C1 GOL H . -38.46 -16.75 4.72
O1 GOL H . -38.21 -15.73 5.67
C2 GOL H . -37.14 -17.24 4.15
O2 GOL H . -36.13 -17.16 5.12
C3 GOL H . -37.25 -18.68 3.65
O3 GOL H . -37.43 -18.70 2.25
H11 GOL H . -38.98 -17.57 5.20
H12 GOL H . -39.08 -16.35 3.92
HO1 GOL H . -39.05 -15.36 5.99
H2 GOL H . -36.87 -16.61 3.29
HO2 GOL H . -36.33 -17.75 5.87
H31 GOL H . -36.34 -19.24 3.92
H32 GOL H . -38.10 -19.17 4.14
HO3 GOL H . -38.38 -18.60 2.05
C1 GOL I . -41.60 -25.26 2.71
O1 GOL I . -40.63 -24.33 3.14
C2 GOL I . -41.32 -26.61 3.35
O2 GOL I . -42.47 -27.44 3.25
C3 GOL I . -40.15 -27.29 2.67
O3 GOL I . -40.00 -28.61 3.14
H11 GOL I . -42.59 -24.91 3.00
H12 GOL I . -41.57 -25.35 1.63
HO1 GOL I . -40.77 -23.48 2.68
H2 GOL I . -41.08 -26.47 4.41
HO2 GOL I . -42.68 -27.58 2.30
H31 GOL I . -40.31 -27.30 1.59
H32 GOL I . -39.24 -26.73 2.86
HO3 GOL I . -39.14 -28.97 2.83
C1 EOH J . 1.37 -32.03 5.74
C2 EOH J . 0.78 -33.31 5.16
O EOH J . 2.03 -32.25 6.97
H11 EOH J . 0.57 -31.30 5.91
H12 EOH J . 2.06 -31.59 5.03
H21 EOH J . 0.05 -33.73 5.87
H22 EOH J . 1.57 -34.03 4.98
H23 EOH J . 0.27 -33.08 4.22
HO EOH J . 1.39 -32.60 7.62
C1 GOL K . 28.01 13.85 -22.36
O1 GOL K . 28.06 13.58 -20.97
C2 GOL K . 26.68 14.47 -22.72
O2 GOL K . 26.41 15.54 -21.84
C3 GOL K . 26.71 14.99 -24.16
O3 GOL K . 25.42 14.89 -24.71
H11 GOL K . 28.82 14.52 -22.63
H12 GOL K . 28.15 12.92 -22.92
HO1 GOL K . 28.90 13.12 -20.76
H2 GOL K . 25.89 13.72 -22.63
HO2 GOL K . 27.11 16.22 -21.94
H31 GOL K . 27.04 16.02 -24.16
H32 GOL K . 27.41 14.40 -24.74
HO3 GOL K . 24.95 15.74 -24.59
C1 GOL L . 22.25 21.54 -32.13
O1 GOL L . 22.93 20.48 -31.50
C2 GOL L . 23.25 22.54 -32.71
O2 GOL L . 24.39 21.84 -33.16
C3 GOL L . 22.61 23.30 -33.87
O3 GOL L . 21.42 23.92 -33.42
H11 GOL L . 21.60 21.16 -32.92
H12 GOL L . 21.62 22.05 -31.40
HO1 GOL L . 22.28 19.88 -31.08
H2 GOL L . 23.53 23.25 -31.94
HO2 GOL L . 24.13 21.22 -33.88
H31 GOL L . 23.31 24.04 -34.24
H32 GOL L . 22.39 22.60 -34.68
HO3 GOL L . 21.09 24.52 -34.13
#